data_3C3B
#
_entry.id   3C3B
#
_cell.length_a   35.579
_cell.length_b   55.588
_cell.length_c   93.805
_cell.angle_alpha   78.92
_cell.angle_beta   84.32
_cell.angle_gamma   82.95
#
_symmetry.space_group_name_H-M   'P 1'
#
loop_
_entity.id
_entity.type
_entity.pdbx_description
1 polymer 'Phosphoglycerate kinase 1'
2 non-polymer 'PHOSPHATE ION'
3 non-polymer "CYTIDINE-5'-DIPHOSPHATE"
4 water water
#
_entity_poly.entity_id   1
_entity_poly.type   'polypeptide(L)'
_entity_poly.pdbx_seq_one_letter_code
;GSHMSLSNKLTLDKLDVKGKRVVMRVDFNVPMKNNQITNNQRIKAAVPSIKFCLDNGAKSVVLMSHLGRPDGVPMPDKYS
LEPVAVELKSLLGKDVLFLKDCVGPEVEKACANPAAGSVILLENLRFHVEEEGKGKDASGNKVKAEPAKIEAFRASLSKL
GDVYVNDAFGTAHRAHSSMVGVNLPQKAGGFLMKKELNYFAKALESPERPFLAILGGAKVADKIQLINNMLDKVNEMIIG
GGMAFTFLKVLNNMEIGTSLFDEEGAKIVKDLMSKAEKNGVKITLPVDFVTADKFDENAKTGQATVASGIPAGWMGLDCG
PESSKKYAEAVTRAKQIVWNGPVGVFEWEAFARGTKALMDEVVKATSRGCITIIGGGDTATCCAKWNTEDKVSHVSTGGG
ASLELLEGKVLPGVDALSNI
;
_entity_poly.pdbx_strand_id   A,B
#
# COMPACT_ATOMS: atom_id res chain seq x y z
N SER A 5 1.80 3.32 -8.52
CA SER A 5 0.77 2.56 -7.75
C SER A 5 1.35 1.76 -6.56
N LEU A 6 0.97 2.13 -5.33
CA LEU A 6 1.41 1.42 -4.11
C LEU A 6 0.32 0.84 -3.15
N SER A 7 -0.95 0.85 -3.62
CA SER A 7 -2.14 0.26 -2.93
C SER A 7 -2.14 -1.26 -2.63
N ASN A 8 -1.47 -2.03 -3.49
CA ASN A 8 -1.27 -3.42 -3.20
C ASN A 8 0.19 -3.77 -2.84
N LYS A 9 1.01 -2.76 -2.60
CA LYS A 9 2.42 -3.04 -2.22
C LYS A 9 2.69 -2.72 -0.75
N LEU A 10 3.57 -3.51 -0.13
CA LEU A 10 4.07 -3.23 1.18
C LEU A 10 4.83 -1.91 1.16
N THR A 11 4.41 -1.04 2.05
CA THR A 11 5.10 0.24 2.30
C THR A 11 5.60 0.38 3.77
N LEU A 12 6.59 1.25 3.96
CA LEU A 12 7.34 1.35 5.22
C LEU A 12 6.44 1.71 6.44
N ASP A 13 5.47 2.62 6.20
CA ASP A 13 4.46 2.99 7.23
C ASP A 13 3.83 1.80 7.94
N LYS A 14 3.72 0.66 7.26
CA LYS A 14 3.17 -0.54 7.86
C LYS A 14 4.17 -1.65 8.16
N LEU A 15 5.47 -1.39 8.16
CA LEU A 15 6.41 -2.50 8.34
C LEU A 15 6.75 -2.49 9.84
N ASP A 16 6.73 -3.64 10.50
CA ASP A 16 7.20 -3.60 11.90
C ASP A 16 8.76 -3.78 11.89
N VAL A 17 9.44 -2.80 12.44
CA VAL A 17 10.92 -2.84 12.35
C VAL A 17 11.52 -2.91 13.76
N LYS A 18 10.66 -2.86 14.80
CA LYS A 18 11.17 -2.93 16.18
C LYS A 18 12.08 -4.16 16.44
N GLY A 19 13.26 -3.90 16.95
CA GLY A 19 14.25 -4.95 17.12
C GLY A 19 14.82 -5.61 15.87
N LYS A 20 14.51 -5.09 14.65
CA LYS A 20 14.89 -5.74 13.39
C LYS A 20 15.98 -4.98 12.67
N ARG A 21 16.78 -5.72 11.91
CA ARG A 21 17.78 -5.08 11.08
C ARG A 21 17.15 -4.76 9.73
N VAL A 22 17.29 -3.51 9.30
CA VAL A 22 16.64 -3.04 8.09
C VAL A 22 17.78 -2.82 7.07
N VAL A 23 17.73 -3.56 5.95
CA VAL A 23 18.60 -3.23 4.77
C VAL A 23 17.81 -2.36 3.83
N MET A 24 18.34 -1.18 3.53
CA MET A 24 17.59 -0.20 2.76
C MET A 24 18.36 0.24 1.52
N ARG A 25 17.85 -0.03 0.33
CA ARG A 25 18.40 0.58 -0.91
C ARG A 25 18.04 2.05 -0.92
N VAL A 26 19.03 2.93 -1.01
CA VAL A 26 18.76 4.37 -1.19
C VAL A 26 19.48 4.81 -2.49
N ASP A 27 19.12 5.97 -2.96
CA ASP A 27 19.84 6.57 -4.08
C ASP A 27 20.72 7.72 -3.52
N PHE A 28 21.96 7.38 -3.27
CA PHE A 28 22.91 8.39 -2.77
C PHE A 28 23.84 8.71 -3.91
N ASN A 29 23.35 8.50 -5.13
CA ASN A 29 24.20 8.85 -6.32
C ASN A 29 24.22 10.38 -6.55
N VAL A 30 25.08 11.05 -5.80
CA VAL A 30 25.07 12.55 -5.72
C VAL A 30 26.08 13.13 -6.68
N PRO A 31 25.78 14.34 -7.23
CA PRO A 31 26.72 15.04 -8.12
C PRO A 31 27.99 15.39 -7.29
N MET A 32 29.17 15.16 -7.85
CA MET A 32 30.41 15.47 -7.12
C MET A 32 31.46 16.19 -7.96
N LYS A 33 32.33 16.91 -7.26
CA LYS A 33 33.49 17.54 -7.87
C LYS A 33 34.56 17.58 -6.81
N ASN A 34 35.74 17.04 -7.13
CA ASN A 34 36.87 17.09 -6.19
C ASN A 34 36.54 16.34 -4.90
N ASN A 35 35.93 15.17 -5.01
CA ASN A 35 35.46 14.42 -3.84
C ASN A 35 34.62 15.28 -2.86
N GLN A 36 34.00 16.35 -3.36
CA GLN A 36 33.04 17.10 -2.55
C GLN A 36 31.67 16.95 -3.18
N ILE A 37 30.69 16.78 -2.32
CA ILE A 37 29.31 16.71 -2.74
C ILE A 37 28.85 18.13 -3.05
N THR A 38 28.39 18.29 -4.27
CA THR A 38 27.92 19.57 -4.77
C THR A 38 26.38 19.68 -4.70
N ASN A 39 25.69 18.59 -4.33
CA ASN A 39 24.25 18.68 -4.08
C ASN A 39 23.88 17.52 -3.19
N ASN A 40 23.37 17.81 -1.99
CA ASN A 40 23.03 16.71 -1.08
C ASN A 40 21.55 16.34 -1.01
N GLN A 41 20.79 16.76 -2.02
CA GLN A 41 19.34 16.66 -1.98
C GLN A 41 18.87 15.18 -1.87
N ARG A 42 19.54 14.32 -2.63
CA ARG A 42 19.28 12.88 -2.64
C ARG A 42 19.50 12.26 -1.25
N ILE A 43 20.46 12.77 -0.50
CA ILE A 43 20.79 12.24 0.81
C ILE A 43 19.72 12.70 1.83
N LYS A 44 19.40 14.01 1.82
CA LYS A 44 18.38 14.57 2.70
C LYS A 44 17.10 13.87 2.47
N ALA A 45 16.81 13.57 1.19
CA ALA A 45 15.50 12.97 0.81
C ALA A 45 15.21 11.54 1.49
N ALA A 46 16.31 10.79 1.79
CA ALA A 46 16.28 9.44 2.40
C ALA A 46 16.06 9.50 3.94
N VAL A 47 16.31 10.67 4.54
CA VAL A 47 16.24 10.83 5.97
C VAL A 47 14.91 10.43 6.63
N PRO A 48 13.77 10.83 6.05
CA PRO A 48 12.55 10.50 6.77
C PRO A 48 12.39 8.97 6.95
N SER A 49 12.74 8.17 5.93
CA SER A 49 12.70 6.69 6.05
C SER A 49 13.65 6.17 7.11
N ILE A 50 14.84 6.72 7.09
CA ILE A 50 15.86 6.32 8.07
C ILE A 50 15.44 6.56 9.51
N LYS A 51 14.98 7.79 9.76
CA LYS A 51 14.59 8.26 11.06
C LYS A 51 13.40 7.47 11.56
N PHE A 52 12.44 7.17 10.67
CA PHE A 52 11.28 6.31 11.04
C PHE A 52 11.75 4.97 11.57
N CYS A 53 12.74 4.39 10.88
CA CYS A 53 13.26 3.10 11.28
C CYS A 53 13.89 3.15 12.64
N LEU A 54 14.71 4.15 12.85
CA LEU A 54 15.43 4.38 14.12
C LEU A 54 14.39 4.61 15.23
N ASP A 55 13.34 5.37 14.92
CA ASP A 55 12.40 5.83 15.94
C ASP A 55 11.48 4.74 16.39
N ASN A 56 11.16 3.85 15.49
CA ASN A 56 10.43 2.66 15.81
C ASN A 56 11.26 1.47 16.28
N GLY A 57 12.51 1.72 16.67
CA GLY A 57 13.38 0.75 17.35
C GLY A 57 14.02 -0.33 16.49
N ALA A 58 14.35 0.01 15.22
CA ALA A 58 15.12 -0.92 14.42
C ALA A 58 16.45 -1.18 15.13
N LYS A 59 16.92 -2.41 15.01
CA LYS A 59 18.30 -2.71 15.48
C LYS A 59 19.40 -1.93 14.71
N SER A 60 19.22 -1.82 13.40
CA SER A 60 20.20 -1.20 12.57
C SER A 60 19.48 -0.78 11.30
N VAL A 61 20.10 0.16 10.60
CA VAL A 61 19.70 0.48 9.24
C VAL A 61 21.01 0.45 8.40
N VAL A 62 21.05 -0.47 7.42
CA VAL A 62 22.21 -0.70 6.49
C VAL A 62 21.79 -0.05 5.17
N LEU A 63 22.56 0.95 4.71
CA LEU A 63 22.18 1.75 3.57
C LEU A 63 23.09 1.33 2.43
N MET A 64 22.51 1.10 1.26
CA MET A 64 23.37 0.74 0.14
C MET A 64 22.96 1.50 -1.06
N SER A 65 23.93 1.81 -1.90
CA SER A 65 23.63 2.63 -3.02
C SER A 65 24.77 2.43 -4.04
N HIS A 66 24.55 2.87 -5.27
CA HIS A 66 25.67 3.10 -6.16
C HIS A 66 26.05 4.64 -6.20
N LEU A 67 27.16 4.95 -6.86
CA LEU A 67 27.59 6.35 -7.12
C LEU A 67 28.32 6.30 -8.44
N GLY A 68 27.97 7.18 -9.39
CA GLY A 68 28.63 7.22 -10.73
C GLY A 68 28.52 5.94 -11.51
N ARG A 69 29.52 5.69 -12.35
CA ARG A 69 29.54 4.51 -13.21
C ARG A 69 30.93 3.83 -13.25
N PRO A 70 31.34 3.19 -12.14
CA PRO A 70 32.62 2.48 -12.11
C PRO A 70 32.58 1.18 -12.95
N ASP A 71 31.39 0.78 -13.42
CA ASP A 71 31.23 -0.35 -14.30
C ASP A 71 31.79 -1.71 -13.80
N GLY A 72 31.53 -2.03 -12.52
CA GLY A 72 31.93 -3.30 -11.96
C GLY A 72 33.39 -3.47 -11.55
N VAL A 73 34.11 -2.36 -11.42
CA VAL A 73 35.50 -2.33 -10.94
C VAL A 73 35.56 -1.51 -9.67
N PRO A 74 36.33 -1.95 -8.67
CA PRO A 74 36.37 -1.06 -7.52
C PRO A 74 37.22 0.18 -7.77
N MET A 75 36.56 1.33 -7.69
CA MET A 75 37.21 2.60 -7.95
C MET A 75 37.07 3.55 -6.81
N PRO A 76 37.61 3.16 -5.62
CA PRO A 76 37.41 3.98 -4.43
C PRO A 76 38.12 5.31 -4.48
N ASP A 77 39.07 5.46 -5.42
CA ASP A 77 39.74 6.74 -5.59
C ASP A 77 38.90 7.75 -6.33
N LYS A 78 37.93 7.31 -7.12
CA LYS A 78 37.05 8.22 -7.84
C LYS A 78 35.57 8.24 -7.39
N TYR A 79 35.00 7.07 -7.05
CA TYR A 79 33.56 7.01 -6.78
C TYR A 79 33.23 6.34 -5.44
N SER A 80 34.01 6.63 -4.43
CA SER A 80 33.66 6.15 -3.11
C SER A 80 32.45 6.88 -2.52
N LEU A 81 31.62 6.13 -1.77
CA LEU A 81 30.56 6.75 -0.95
C LEU A 81 31.03 7.35 0.39
N GLU A 82 32.34 7.29 0.70
CA GLU A 82 32.76 7.77 1.98
C GLU A 82 32.29 9.22 2.33
N PRO A 83 32.41 10.18 1.37
CA PRO A 83 31.95 11.52 1.65
C PRO A 83 30.45 11.57 2.00
N VAL A 84 29.67 10.66 1.43
CA VAL A 84 28.27 10.56 1.79
C VAL A 84 28.05 10.18 3.25
N ALA A 85 28.84 9.25 3.82
CA ALA A 85 28.75 8.90 5.23
C ALA A 85 28.92 10.18 6.07
N VAL A 86 29.91 11.03 5.73
CA VAL A 86 30.10 12.32 6.44
C VAL A 86 28.90 13.23 6.44
N GLU A 87 28.46 13.53 5.25
CA GLU A 87 27.27 14.30 5.01
C GLU A 87 26.07 13.76 5.69
N LEU A 88 25.83 12.44 5.53
CA LEU A 88 24.70 11.78 6.18
C LEU A 88 24.74 11.93 7.70
N LYS A 89 25.93 11.78 8.29
CA LYS A 89 26.08 11.93 9.72
C LYS A 89 25.54 13.26 10.21
N SER A 90 25.84 14.30 9.46
CA SER A 90 25.42 15.65 9.88
C SER A 90 23.93 15.88 9.63
N LEU A 91 23.38 15.26 8.58
CA LEU A 91 21.90 15.33 8.39
C LEU A 91 21.08 14.64 9.45
N LEU A 92 21.61 13.56 10.03
CA LEU A 92 20.90 12.68 10.94
C LEU A 92 21.13 12.94 12.41
N GLY A 93 22.31 13.48 12.73
CA GLY A 93 22.69 13.66 14.14
C GLY A 93 23.00 12.31 14.75
N LYS A 94 23.49 11.40 13.90
CA LYS A 94 23.83 10.07 14.32
C LYS A 94 25.13 9.68 13.63
N ASP A 95 25.99 9.00 14.36
CA ASP A 95 27.16 8.34 13.76
C ASP A 95 26.70 7.46 12.61
N VAL A 96 27.49 7.41 11.57
CA VAL A 96 27.24 6.51 10.47
C VAL A 96 28.52 5.68 10.28
N LEU A 97 28.41 4.35 10.40
CA LEU A 97 29.56 3.47 10.20
C LEU A 97 29.73 3.20 8.71
N PHE A 98 30.85 3.64 8.14
CA PHE A 98 31.09 3.37 6.71
C PHE A 98 31.93 2.10 6.50
N LEU A 99 31.51 1.22 5.59
CA LEU A 99 32.20 -0.07 5.39
C LEU A 99 32.79 -0.01 4.01
N LYS A 100 34.06 -0.42 3.87
CA LYS A 100 34.80 -0.28 2.58
C LYS A 100 34.41 -1.30 1.49
N ASP A 101 33.33 -2.10 1.72
CA ASP A 101 32.73 -2.98 0.67
C ASP A 101 31.21 -3.03 0.86
N CYS A 102 30.54 -3.80 0.01
CA CYS A 102 29.07 -3.94 0.16
C CYS A 102 28.59 -5.42 0.23
N VAL A 103 29.51 -6.35 -0.06
CA VAL A 103 29.22 -7.75 0.14
C VAL A 103 30.45 -8.44 0.70
N GLY A 104 30.32 -9.72 0.99
CA GLY A 104 31.43 -10.54 1.45
C GLY A 104 31.44 -10.72 3.00
N PRO A 105 32.31 -11.63 3.49
CA PRO A 105 32.37 -12.06 4.90
C PRO A 105 32.54 -10.90 5.89
N GLU A 106 33.43 -9.96 5.61
CA GLU A 106 33.61 -8.88 6.59
C GLU A 106 32.33 -8.01 6.73
N VAL A 107 31.71 -7.71 5.59
CA VAL A 107 30.47 -6.86 5.57
C VAL A 107 29.37 -7.61 6.27
N GLU A 108 29.21 -8.90 5.99
CA GLU A 108 28.18 -9.66 6.66
C GLU A 108 28.37 -9.68 8.18
N LYS A 109 29.61 -9.88 8.65
CA LYS A 109 29.88 -9.87 10.09
C LYS A 109 29.56 -8.54 10.72
N ALA A 110 29.88 -7.43 10.05
CA ALA A 110 29.65 -6.13 10.64
C ALA A 110 28.14 -5.86 10.74
N CYS A 111 27.37 -6.45 9.83
CA CYS A 111 25.93 -6.17 9.82
C CYS A 111 25.14 -7.25 10.56
N ALA A 112 25.80 -8.28 11.06
CA ALA A 112 25.07 -9.47 11.59
C ALA A 112 24.21 -9.12 12.84
N ASN A 113 24.77 -8.30 13.73
CA ASN A 113 24.08 -7.94 15.00
C ASN A 113 24.61 -6.61 15.53
N PRO A 114 24.34 -5.50 14.79
CA PRO A 114 25.04 -4.28 15.20
C PRO A 114 24.51 -3.69 16.52
N ALA A 115 25.28 -2.83 17.15
CA ALA A 115 24.77 -2.10 18.35
C ALA A 115 23.40 -1.54 17.99
N ALA A 116 22.47 -1.60 18.93
CA ALA A 116 21.14 -1.06 18.71
C ALA A 116 21.14 0.37 18.19
N GLY A 117 20.30 0.60 17.19
CA GLY A 117 20.20 1.93 16.58
C GLY A 117 21.37 2.31 15.61
N SER A 118 22.21 1.33 15.21
CA SER A 118 23.37 1.60 14.30
C SER A 118 22.94 2.07 12.89
N VAL A 119 23.71 2.97 12.29
CA VAL A 119 23.45 3.33 10.86
C VAL A 119 24.76 3.00 10.20
N ILE A 120 24.66 2.15 9.20
CA ILE A 120 25.81 1.63 8.45
C ILE A 120 25.58 1.99 7.00
N LEU A 121 26.62 2.51 6.35
CA LEU A 121 26.60 2.78 4.92
C LEU A 121 27.68 1.89 4.22
N LEU A 122 27.22 1.08 3.27
CA LEU A 122 28.13 0.27 2.45
C LEU A 122 28.81 1.11 1.38
N GLU A 123 29.94 0.61 0.91
CA GLU A 123 30.62 1.22 -0.20
C GLU A 123 29.87 0.86 -1.53
N ASN A 124 30.14 1.65 -2.56
CA ASN A 124 29.56 1.67 -3.90
C ASN A 124 29.21 0.30 -4.46
N LEU A 125 27.91 0.00 -4.54
CA LEU A 125 27.46 -1.32 -5.07
C LEU A 125 28.01 -1.65 -6.43
N ARG A 126 28.21 -0.59 -7.25
CA ARG A 126 28.70 -0.82 -8.61
C ARG A 126 30.24 -1.10 -8.74
N PHE A 127 30.91 -1.24 -7.60
CA PHE A 127 32.29 -1.79 -7.57
C PHE A 127 32.25 -3.28 -7.86
N HIS A 128 31.06 -3.87 -7.82
CA HIS A 128 30.83 -5.27 -8.25
C HIS A 128 30.09 -5.36 -9.53
N VAL A 129 30.61 -6.17 -10.46
CA VAL A 129 29.86 -6.47 -11.72
C VAL A 129 28.44 -7.06 -11.47
N GLU A 130 28.27 -7.73 -10.32
CA GLU A 130 27.05 -8.44 -10.05
C GLU A 130 25.90 -7.51 -9.76
N GLU A 131 26.17 -6.24 -9.47
CA GLU A 131 25.02 -5.37 -9.13
C GLU A 131 24.20 -5.07 -10.41
N GLU A 132 24.88 -4.59 -11.44
CA GLU A 132 24.21 -4.21 -12.70
C GLU A 132 24.00 -5.49 -13.52
N GLY A 133 24.79 -6.53 -13.18
CA GLY A 133 24.69 -7.87 -13.75
C GLY A 133 25.36 -7.84 -15.11
N LYS A 134 26.08 -6.74 -15.35
CA LYS A 134 26.99 -6.59 -16.48
C LYS A 134 28.06 -5.57 -16.06
N GLY A 135 29.18 -5.54 -16.78
CA GLY A 135 30.14 -4.46 -16.56
C GLY A 135 31.02 -4.19 -17.73
N LYS A 136 32.11 -3.43 -17.48
CA LYS A 136 33.22 -3.21 -18.44
C LYS A 136 34.60 -3.41 -17.83
N ASP A 137 35.50 -3.93 -18.66
CA ASP A 137 36.92 -3.96 -18.31
C ASP A 137 37.60 -2.63 -18.62
N ALA A 138 38.92 -2.59 -18.40
CA ALA A 138 39.75 -1.36 -18.51
C ALA A 138 40.21 -1.10 -19.95
N SER A 139 39.66 -1.89 -20.90
CA SER A 139 39.71 -1.66 -22.35
C SER A 139 38.33 -1.35 -22.92
N GLY A 140 37.34 -1.16 -22.05
CA GLY A 140 35.99 -0.82 -22.49
C GLY A 140 35.06 -1.94 -22.96
N ASN A 141 35.53 -3.21 -22.96
CA ASN A 141 34.75 -4.34 -23.49
C ASN A 141 33.79 -4.94 -22.45
N LYS A 142 32.62 -5.39 -22.93
CA LYS A 142 31.53 -5.94 -22.07
C LYS A 142 31.98 -7.16 -21.27
N VAL A 143 32.08 -7.01 -19.95
CA VAL A 143 32.21 -8.15 -19.03
C VAL A 143 30.82 -8.68 -18.60
N LYS A 144 30.65 -10.00 -18.77
CA LYS A 144 29.45 -10.78 -18.36
C LYS A 144 29.52 -11.08 -16.88
N ALA A 145 28.39 -11.04 -16.19
CA ALA A 145 28.41 -11.47 -14.79
C ALA A 145 27.97 -12.92 -14.81
N GLU A 146 28.64 -13.78 -14.07
CA GLU A 146 28.25 -15.18 -13.94
C GLU A 146 26.98 -15.28 -13.08
N PRO A 147 25.98 -16.10 -13.50
CA PRO A 147 24.71 -16.16 -12.76
C PRO A 147 24.93 -16.63 -11.36
N ALA A 148 25.88 -17.56 -11.18
CA ALA A 148 26.20 -18.06 -9.85
C ALA A 148 26.76 -16.92 -8.97
N LYS A 149 27.56 -16.03 -9.57
CA LYS A 149 28.15 -14.94 -8.80
C LYS A 149 27.11 -13.86 -8.46
N ILE A 150 26.16 -13.64 -9.38
CA ILE A 150 25.04 -12.68 -9.23
C ILE A 150 24.25 -13.24 -8.06
N GLU A 151 23.98 -14.55 -8.07
CA GLU A 151 23.20 -15.13 -6.96
C GLU A 151 23.93 -15.04 -5.58
N ALA A 152 25.25 -15.29 -5.49
CA ALA A 152 26.05 -15.09 -4.30
C ALA A 152 26.01 -13.62 -3.82
N PHE A 153 26.08 -12.67 -4.73
CA PHE A 153 25.99 -11.22 -4.41
C PHE A 153 24.65 -10.84 -3.77
N ARG A 154 23.58 -11.35 -4.38
CA ARG A 154 22.23 -11.04 -3.87
C ARG A 154 22.05 -11.73 -2.52
N ALA A 155 22.59 -12.94 -2.41
CA ALA A 155 22.46 -13.72 -1.17
C ALA A 155 23.16 -13.01 -0.04
N SER A 156 24.34 -12.43 -0.36
CA SER A 156 25.07 -11.70 0.63
C SER A 156 24.34 -10.41 1.08
N LEU A 157 23.82 -9.63 0.15
CA LEU A 157 22.98 -8.45 0.45
C LEU A 157 21.84 -8.80 1.34
N SER A 158 21.26 -9.96 1.05
CA SER A 158 20.06 -10.46 1.81
C SER A 158 20.30 -10.84 3.28
N LYS A 159 21.54 -11.13 3.65
CA LYS A 159 22.04 -11.36 4.99
C LYS A 159 22.18 -10.11 5.85
N LEU A 160 22.15 -8.92 5.21
CA LEU A 160 22.53 -7.68 5.91
C LEU A 160 21.38 -7.04 6.68
N GLY A 161 20.16 -7.56 6.45
CA GLY A 161 18.99 -7.13 7.24
C GLY A 161 18.01 -8.29 7.40
N ASP A 162 17.05 -8.14 8.33
CA ASP A 162 15.87 -9.00 8.45
C ASP A 162 14.65 -8.63 7.54
N VAL A 163 14.53 -7.33 7.23
CA VAL A 163 13.53 -6.75 6.33
C VAL A 163 14.27 -5.80 5.36
N TYR A 164 13.74 -5.67 4.16
CA TYR A 164 14.27 -4.83 3.09
C TYR A 164 13.38 -3.61 2.88
N VAL A 165 14.00 -2.46 2.68
CA VAL A 165 13.21 -1.24 2.31
C VAL A 165 13.90 -0.67 1.02
N ASN A 166 13.11 -0.38 -0.01
CA ASN A 166 13.62 0.33 -1.16
C ASN A 166 13.15 1.82 -1.15
N ASP A 167 14.10 2.72 -0.90
CA ASP A 167 13.73 4.10 -0.94
C ASP A 167 14.46 4.82 -2.11
N ALA A 168 14.90 4.05 -3.08
CA ALA A 168 15.90 4.54 -4.07
C ALA A 168 15.09 4.91 -5.36
N PHE A 169 14.28 5.97 -5.25
CA PHE A 169 13.42 6.35 -6.34
C PHE A 169 14.31 6.71 -7.57
N GLY A 170 15.46 7.34 -7.32
CA GLY A 170 16.32 7.79 -8.45
C GLY A 170 16.96 6.66 -9.23
N THR A 171 16.80 5.43 -8.74
CA THR A 171 17.41 4.23 -9.33
C THR A 171 16.26 3.26 -9.71
N ALA A 172 15.00 3.65 -9.52
CA ALA A 172 13.88 2.69 -9.57
C ALA A 172 13.68 2.08 -10.97
N HIS A 173 14.21 2.77 -12.01
CA HIS A 173 14.18 2.28 -13.38
C HIS A 173 15.23 1.22 -13.66
N ARG A 174 16.09 0.92 -12.68
CA ARG A 174 17.14 -0.11 -12.90
C ARG A 174 16.81 -1.46 -12.24
N ALA A 175 16.80 -2.52 -13.03
CA ALA A 175 16.56 -3.86 -12.47
C ALA A 175 17.90 -4.51 -12.00
N HIS A 176 18.56 -3.90 -11.02
CA HIS A 176 19.91 -4.30 -10.60
C HIS A 176 19.76 -5.10 -9.31
N SER A 177 20.81 -5.85 -8.93
CA SER A 177 20.73 -6.85 -7.85
C SER A 177 20.14 -6.24 -6.59
N SER A 178 20.66 -5.08 -6.23
CA SER A 178 20.19 -4.44 -4.97
C SER A 178 18.72 -3.93 -5.02
N MET A 179 18.16 -3.81 -6.23
CA MET A 179 16.83 -3.18 -6.46
C MET A 179 15.73 -4.24 -6.56
N VAL A 180 16.08 -5.39 -7.14
CA VAL A 180 15.11 -6.50 -7.42
C VAL A 180 15.56 -7.87 -6.89
N GLY A 181 16.82 -8.01 -6.43
CA GLY A 181 17.42 -9.33 -6.15
C GLY A 181 17.48 -9.72 -4.68
N VAL A 182 17.02 -8.83 -3.81
CA VAL A 182 17.17 -9.09 -2.38
C VAL A 182 16.05 -10.04 -1.88
N ASN A 183 16.47 -11.10 -1.23
CA ASN A 183 15.53 -12.17 -0.85
C ASN A 183 15.22 -12.17 0.66
N LEU A 184 14.23 -11.38 1.02
CA LEU A 184 13.76 -11.25 2.35
C LEU A 184 12.23 -11.37 2.23
N PRO A 185 11.58 -11.93 3.26
CA PRO A 185 10.10 -12.07 3.18
C PRO A 185 9.36 -10.70 3.01
N GLN A 186 9.88 -9.61 3.60
CA GLN A 186 9.26 -8.29 3.49
C GLN A 186 10.16 -7.28 2.79
N LYS A 187 9.69 -6.80 1.64
CA LYS A 187 10.37 -5.82 0.72
C LYS A 187 9.40 -4.66 0.55
N ALA A 188 9.68 -3.58 1.26
CA ALA A 188 8.73 -2.50 1.47
C ALA A 188 9.18 -1.22 0.80
N GLY A 189 8.23 -0.46 0.21
CA GLY A 189 8.53 0.84 -0.38
C GLY A 189 8.80 1.86 0.69
N GLY A 190 9.85 2.63 0.57
CA GLY A 190 10.09 3.67 1.55
C GLY A 190 9.28 4.94 1.37
N PHE A 191 9.45 5.90 2.26
CA PHE A 191 8.64 7.21 2.26
C PHE A 191 8.95 8.05 1.05
N LEU A 192 10.17 7.99 0.55
CA LEU A 192 10.54 8.71 -0.66
C LEU A 192 9.93 8.12 -1.90
N MET A 193 10.09 6.81 -2.07
CA MET A 193 9.47 6.09 -3.11
C MET A 193 7.97 6.42 -3.20
N LYS A 194 7.27 6.38 -2.06
CA LYS A 194 5.82 6.69 -1.97
C LYS A 194 5.55 8.18 -2.33
N LYS A 195 6.34 9.11 -1.78
CA LYS A 195 6.11 10.54 -2.00
C LYS A 195 6.31 10.90 -3.46
N GLU A 196 7.42 10.39 -4.07
CA GLU A 196 7.72 10.61 -5.48
C GLU A 196 6.58 10.08 -6.36
N LEU A 197 6.23 8.81 -6.18
CA LEU A 197 5.25 8.18 -7.04
C LEU A 197 3.91 8.88 -6.97
N ASN A 198 3.55 9.32 -5.74
CA ASN A 198 2.32 10.07 -5.46
C ASN A 198 2.25 11.40 -6.18
N TYR A 199 3.28 12.25 -6.07
CA TYR A 199 3.35 13.48 -6.82
C TYR A 199 3.24 13.25 -8.32
N PHE A 200 4.06 12.36 -8.89
CA PHE A 200 3.90 12.10 -10.31
C PHE A 200 2.56 11.51 -10.79
N ALA A 201 1.95 10.60 -10.05
CA ALA A 201 0.65 10.02 -10.34
C ALA A 201 -0.43 11.10 -10.29
N LYS A 202 -0.37 11.97 -9.30
CA LYS A 202 -1.35 13.06 -9.18
C LYS A 202 -1.15 14.04 -10.34
N ALA A 203 0.09 14.40 -10.62
CA ALA A 203 0.36 15.33 -11.71
C ALA A 203 -0.03 14.82 -13.08
N LEU A 204 0.22 13.53 -13.34
CA LEU A 204 -0.02 12.94 -14.66
C LEU A 204 -1.47 12.43 -14.85
N GLU A 205 -2.09 11.97 -13.80
CA GLU A 205 -3.45 11.42 -13.92
C GLU A 205 -4.55 12.38 -13.48
N SER A 206 -4.23 13.32 -12.60
CA SER A 206 -5.23 14.28 -12.17
C SER A 206 -4.66 15.68 -12.25
N PRO A 207 -4.18 16.11 -13.44
CA PRO A 207 -3.50 17.42 -13.35
C PRO A 207 -4.43 18.61 -13.05
N GLU A 208 -3.85 19.62 -12.37
CA GLU A 208 -4.43 20.92 -12.33
C GLU A 208 -4.14 21.57 -13.67
N ARG A 209 -5.07 22.39 -14.14
CA ARG A 209 -4.95 22.93 -15.48
C ARG A 209 -5.12 24.45 -15.46
N PRO A 210 -4.41 25.18 -16.35
CA PRO A 210 -3.54 24.67 -17.42
C PRO A 210 -2.25 23.97 -16.90
N PHE A 211 -1.85 22.89 -17.59
CA PHE A 211 -0.72 22.11 -17.20
C PHE A 211 0.37 22.48 -18.17
N LEU A 212 1.48 22.99 -17.66
CA LEU A 212 2.60 23.35 -18.47
C LEU A 212 3.75 22.35 -18.25
N ALA A 213 4.36 21.87 -19.34
CA ALA A 213 5.63 21.13 -19.18
C ALA A 213 6.71 22.05 -19.69
N ILE A 214 7.82 22.16 -18.92
CA ILE A 214 9.03 22.85 -19.34
C ILE A 214 10.09 21.75 -19.56
N LEU A 215 10.51 21.55 -20.81
CA LEU A 215 11.44 20.50 -21.17
C LEU A 215 12.61 21.21 -21.78
N GLY A 216 13.78 20.97 -21.18
CA GLY A 216 15.02 21.49 -21.72
C GLY A 216 15.96 20.32 -21.83
N GLY A 217 16.89 20.43 -22.75
CA GLY A 217 18.02 19.50 -22.82
C GLY A 217 18.82 19.82 -24.06
N ALA A 218 19.83 19.01 -24.33
CA ALA A 218 20.74 19.18 -25.48
C ALA A 218 20.23 18.60 -26.82
N LYS A 219 19.79 17.32 -26.82
CA LYS A 219 19.28 16.61 -28.02
C LYS A 219 17.76 16.44 -28.12
N VAL A 220 17.25 16.38 -29.35
CA VAL A 220 15.83 16.12 -29.54
C VAL A 220 15.56 14.62 -29.55
N ALA A 221 16.40 13.88 -30.30
CA ALA A 221 16.11 12.49 -30.65
C ALA A 221 15.91 11.62 -29.40
N ASP A 222 16.65 11.89 -28.32
CA ASP A 222 16.48 11.07 -27.13
C ASP A 222 15.26 11.45 -26.28
N LYS A 223 14.51 12.48 -26.71
CA LYS A 223 13.41 13.05 -25.92
C LYS A 223 12.09 12.95 -26.62
N ILE A 224 12.06 12.22 -27.73
CA ILE A 224 10.85 12.05 -28.53
C ILE A 224 9.74 11.41 -27.73
N GLN A 225 10.04 10.28 -27.07
CA GLN A 225 8.99 9.59 -26.36
C GLN A 225 8.43 10.48 -25.22
N LEU A 226 9.37 11.14 -24.55
CA LEU A 226 9.08 12.10 -23.44
C LEU A 226 8.13 13.20 -23.92
N ILE A 227 8.51 13.92 -24.95
CA ILE A 227 7.69 14.96 -25.60
C ILE A 227 6.34 14.39 -26.07
N ASN A 228 6.33 13.25 -26.82
CA ASN A 228 5.08 12.66 -27.19
C ASN A 228 4.19 12.34 -26.04
N ASN A 229 4.74 11.68 -25.02
CA ASN A 229 3.94 11.37 -23.84
C ASN A 229 3.36 12.68 -23.22
N MET A 230 4.22 13.68 -23.02
CA MET A 230 3.78 14.98 -22.42
C MET A 230 2.68 15.65 -23.27
N LEU A 231 2.78 15.53 -24.61
CA LEU A 231 1.82 16.19 -25.49
C LEU A 231 0.41 15.63 -25.38
N ASP A 232 0.28 14.40 -24.91
CA ASP A 232 -1.05 13.83 -24.64
C ASP A 232 -1.64 14.32 -23.31
N LYS A 233 -0.82 14.95 -22.46
CA LYS A 233 -1.32 15.34 -21.12
C LYS A 233 -1.46 16.88 -20.93
N VAL A 234 -0.56 17.65 -21.53
CA VAL A 234 -0.37 19.05 -21.11
C VAL A 234 -1.23 20.01 -21.96
N ASN A 235 -1.38 21.24 -21.49
CA ASN A 235 -1.98 22.34 -22.28
C ASN A 235 -0.94 23.19 -22.96
N GLU A 236 0.21 23.27 -22.30
CA GLU A 236 1.32 24.08 -22.77
C GLU A 236 2.66 23.40 -22.60
N MET A 237 3.54 23.68 -23.54
CA MET A 237 4.92 23.18 -23.42
C MET A 237 5.95 24.23 -23.80
N ILE A 238 6.99 24.37 -22.93
CA ILE A 238 8.13 25.22 -23.34
C ILE A 238 9.15 24.18 -23.80
N ILE A 239 9.77 24.42 -24.96
CA ILE A 239 10.88 23.58 -25.40
C ILE A 239 12.11 24.50 -25.36
N GLY A 240 13.03 24.22 -24.42
CA GLY A 240 14.18 25.14 -24.15
C GLY A 240 15.52 24.46 -24.17
N GLY A 241 16.56 25.21 -23.84
CA GLY A 241 17.90 24.63 -23.93
C GLY A 241 18.41 24.44 -25.37
N GLY A 242 19.52 23.71 -25.51
CA GLY A 242 20.08 23.53 -26.84
C GLY A 242 19.25 22.81 -27.87
N MET A 243 18.38 21.90 -27.44
CA MET A 243 17.49 21.23 -28.43
C MET A 243 16.53 22.19 -29.17
N ALA A 244 16.19 23.35 -28.58
CA ALA A 244 15.41 24.41 -29.24
C ALA A 244 15.99 24.78 -30.65
N PHE A 245 17.32 24.77 -30.83
CA PHE A 245 17.92 25.18 -32.10
C PHE A 245 17.55 24.22 -33.24
N THR A 246 17.37 22.95 -32.92
CA THR A 246 16.87 22.00 -33.91
C THR A 246 15.47 22.41 -34.37
N PHE A 247 14.51 22.58 -33.44
CA PHE A 247 13.19 23.13 -33.78
C PHE A 247 13.19 24.41 -34.60
N LEU A 248 13.99 25.40 -34.16
CA LEU A 248 14.02 26.71 -34.82
C LEU A 248 14.62 26.65 -36.22
N LYS A 249 15.68 25.87 -36.40
CA LYS A 249 16.22 25.67 -37.73
C LYS A 249 15.18 25.07 -38.66
N VAL A 250 14.38 24.11 -38.17
CA VAL A 250 13.50 23.42 -39.07
C VAL A 250 12.20 24.25 -39.24
N LEU A 251 11.70 24.86 -38.16
CA LEU A 251 10.44 25.53 -38.22
C LEU A 251 10.57 26.99 -38.72
N ASN A 252 11.74 27.62 -38.54
CA ASN A 252 11.85 29.07 -38.86
C ASN A 252 13.05 29.38 -39.72
N ASN A 253 13.76 28.33 -40.12
CA ASN A 253 15.08 28.34 -40.80
C ASN A 253 16.03 29.32 -40.19
N MET A 254 16.01 29.32 -38.84
CA MET A 254 16.96 30.14 -38.11
C MET A 254 18.36 29.72 -38.41
N GLU A 255 19.22 30.73 -38.49
CA GLU A 255 20.65 30.48 -38.67
C GLU A 255 21.20 30.34 -37.29
N ILE A 256 21.80 29.20 -36.96
CA ILE A 256 22.13 28.83 -35.59
C ILE A 256 23.65 28.82 -35.26
N GLY A 257 24.46 29.32 -36.19
CA GLY A 257 25.91 29.25 -35.99
C GLY A 257 26.39 27.83 -35.76
N THR A 258 27.23 27.69 -34.72
CA THR A 258 27.80 26.41 -34.30
C THR A 258 26.98 25.82 -33.13
N SER A 259 25.76 26.33 -32.85
CA SER A 259 24.93 25.72 -31.80
C SER A 259 24.60 24.24 -32.14
N LEU A 260 24.20 23.51 -31.10
CA LEU A 260 23.78 22.12 -31.20
C LEU A 260 22.70 21.97 -32.26
N PHE A 261 22.80 20.93 -33.08
CA PHE A 261 21.79 20.63 -34.08
C PHE A 261 21.73 19.12 -34.18
N ASP A 262 20.51 18.59 -34.00
CA ASP A 262 20.22 17.14 -33.89
C ASP A 262 19.72 16.71 -35.26
N GLU A 263 20.63 16.22 -36.10
CA GLU A 263 20.30 15.89 -37.50
C GLU A 263 19.16 14.90 -37.63
N GLU A 264 19.08 13.98 -36.67
CA GLU A 264 17.99 13.01 -36.64
C GLU A 264 16.68 13.51 -36.01
N GLY A 265 16.76 14.21 -34.87
CA GLY A 265 15.58 14.82 -34.27
C GLY A 265 14.92 15.81 -35.20
N ALA A 266 15.73 16.47 -36.04
CA ALA A 266 15.23 17.41 -36.99
C ALA A 266 14.20 16.82 -37.87
N LYS A 267 14.41 15.58 -38.28
CA LYS A 267 13.49 14.95 -39.25
C LYS A 267 12.11 14.64 -38.61
N ILE A 268 12.03 14.65 -37.28
CA ILE A 268 10.70 14.43 -36.64
C ILE A 268 10.03 15.62 -35.93
N VAL A 269 10.70 16.79 -35.99
CA VAL A 269 10.06 18.00 -35.40
C VAL A 269 8.64 18.20 -35.97
N LYS A 270 8.49 17.98 -37.28
CA LYS A 270 7.21 18.15 -37.99
C LYS A 270 6.08 17.35 -37.33
N ASP A 271 6.41 16.10 -37.01
CA ASP A 271 5.47 15.22 -36.27
C ASP A 271 5.15 15.66 -34.81
N LEU A 272 6.13 16.13 -34.06
CA LEU A 272 5.86 16.64 -32.69
C LEU A 272 4.95 17.85 -32.69
N MET A 273 5.22 18.76 -33.64
CA MET A 273 4.42 19.96 -33.74
C MET A 273 3.03 19.66 -34.21
N SER A 274 2.90 18.71 -35.14
CA SER A 274 1.58 18.27 -35.62
C SER A 274 0.78 17.67 -34.42
N LYS A 275 1.43 16.78 -33.66
CA LYS A 275 0.74 16.21 -32.50
C LYS A 275 0.32 17.30 -31.48
N ALA A 276 1.20 18.27 -31.29
CA ALA A 276 0.91 19.43 -30.38
C ALA A 276 -0.39 20.13 -30.88
N GLU A 277 -0.39 20.47 -32.16
CA GLU A 277 -1.51 21.11 -32.68
C GLU A 277 -2.80 20.33 -32.56
N LYS A 278 -2.75 19.00 -32.78
CA LYS A 278 -3.97 18.25 -32.78
C LYS A 278 -4.50 18.16 -31.34
N ASN A 279 -3.58 18.31 -30.36
CA ASN A 279 -3.90 18.34 -28.94
C ASN A 279 -4.14 19.76 -28.35
N GLY A 280 -4.06 20.82 -29.15
CA GLY A 280 -4.35 22.16 -28.61
C GLY A 280 -3.26 22.56 -27.61
N VAL A 281 -2.06 22.01 -27.82
CA VAL A 281 -0.85 22.35 -27.01
C VAL A 281 -0.15 23.58 -27.53
N LYS A 282 -0.11 24.63 -26.70
CA LYS A 282 0.61 25.83 -27.11
C LYS A 282 2.13 25.57 -26.89
N ILE A 283 2.91 25.65 -27.95
CA ILE A 283 4.38 25.42 -27.84
C ILE A 283 5.09 26.75 -27.72
N THR A 284 5.97 26.91 -26.73
CA THR A 284 6.73 28.17 -26.58
C THR A 284 8.21 27.85 -26.77
N LEU A 285 8.77 28.31 -27.86
CA LEU A 285 10.17 28.22 -28.16
C LEU A 285 10.90 29.54 -27.78
N PRO A 286 12.22 29.49 -27.55
CA PRO A 286 12.92 30.72 -27.27
C PRO A 286 12.94 31.56 -28.55
N VAL A 287 12.98 32.88 -28.37
CA VAL A 287 13.06 33.84 -29.47
C VAL A 287 14.39 34.66 -29.54
N ASP A 288 15.21 34.58 -28.52
CA ASP A 288 16.52 35.32 -28.44
C ASP A 288 17.47 34.52 -27.55
N PHE A 289 18.75 34.87 -27.57
CA PHE A 289 19.82 33.97 -27.10
C PHE A 289 20.94 34.81 -26.54
N VAL A 290 21.60 34.26 -25.52
CA VAL A 290 23.00 34.60 -25.20
C VAL A 290 23.91 33.64 -25.96
N THR A 291 24.77 34.19 -26.83
CA THR A 291 25.64 33.39 -27.71
C THR A 291 27.07 33.38 -27.11
N ALA A 292 27.93 32.52 -27.62
CA ALA A 292 29.33 32.38 -27.15
C ALA A 292 30.21 32.04 -28.33
N ASP A 293 31.50 32.43 -28.29
CA ASP A 293 32.41 32.14 -29.40
C ASP A 293 32.99 30.73 -29.34
N LYS A 294 32.81 30.06 -28.20
CA LYS A 294 33.25 28.70 -28.04
C LYS A 294 32.52 28.13 -26.83
N PHE A 295 32.48 26.81 -26.80
CA PHE A 295 31.86 26.15 -25.67
C PHE A 295 32.82 26.23 -24.47
N ASP A 296 32.70 27.30 -23.68
CA ASP A 296 33.62 27.60 -22.60
C ASP A 296 32.95 28.53 -21.63
N GLU A 297 33.12 28.24 -20.32
CA GLU A 297 32.69 29.13 -19.27
C GLU A 297 33.13 30.59 -19.47
N ASN A 298 34.32 30.77 -20.03
CA ASN A 298 34.93 32.11 -20.24
C ASN A 298 34.96 32.56 -21.70
N ALA A 299 34.09 31.97 -22.49
CA ALA A 299 33.89 32.42 -23.87
C ALA A 299 33.45 33.89 -23.86
N LYS A 300 33.70 34.60 -24.98
CA LYS A 300 33.17 35.94 -25.19
C LYS A 300 31.70 35.72 -25.57
N THR A 301 30.87 36.70 -25.25
CA THR A 301 29.43 36.54 -25.24
C THR A 301 28.74 37.61 -26.08
N GLY A 302 27.56 37.27 -26.59
CA GLY A 302 26.86 38.21 -27.46
C GLY A 302 25.40 37.88 -27.34
N GLN A 303 24.61 38.44 -28.24
CA GLN A 303 23.14 38.29 -28.22
C GLN A 303 22.67 38.12 -29.62
N ALA A 304 21.58 37.37 -29.76
CA ALA A 304 20.99 37.14 -31.06
C ALA A 304 19.53 36.90 -30.85
N THR A 305 18.73 37.15 -31.90
CA THR A 305 17.33 36.82 -31.97
C THR A 305 17.18 35.79 -33.09
N VAL A 306 16.02 35.17 -33.18
CA VAL A 306 15.69 34.32 -34.33
C VAL A 306 15.86 35.15 -35.65
N ALA A 307 15.39 36.41 -35.61
CA ALA A 307 15.42 37.30 -36.78
C ALA A 307 16.80 37.67 -37.25
N SER A 308 17.76 37.85 -36.31
CA SER A 308 19.13 38.21 -36.67
C SER A 308 19.92 36.98 -37.07
N GLY A 309 19.51 35.79 -36.57
CA GLY A 309 20.34 34.58 -36.64
C GLY A 309 21.51 34.74 -35.68
N ILE A 310 22.15 33.63 -35.41
CA ILE A 310 23.37 33.59 -34.59
C ILE A 310 24.53 33.67 -35.56
N PRO A 311 25.58 34.48 -35.28
CA PRO A 311 26.62 34.59 -36.35
C PRO A 311 27.43 33.32 -36.50
N ALA A 312 28.01 33.11 -37.67
CA ALA A 312 28.89 31.97 -37.90
C ALA A 312 29.99 31.87 -36.83
N GLY A 313 30.31 30.63 -36.47
CA GLY A 313 31.34 30.40 -35.46
C GLY A 313 30.92 30.75 -34.03
N TRP A 314 29.66 31.17 -33.85
CA TRP A 314 29.09 31.44 -32.53
C TRP A 314 27.95 30.46 -32.24
N MET A 315 27.75 30.15 -30.97
CA MET A 315 26.69 29.19 -30.47
C MET A 315 25.84 29.82 -29.34
N GLY A 316 24.55 29.48 -29.29
CA GLY A 316 23.56 30.00 -28.28
C GLY A 316 23.66 29.08 -27.08
N LEU A 317 23.93 29.64 -25.89
CA LEU A 317 24.13 28.84 -24.68
C LEU A 317 23.15 29.19 -23.55
N ASP A 318 22.29 30.17 -23.79
CA ASP A 318 21.19 30.51 -22.90
C ASP A 318 20.12 31.23 -23.76
N CYS A 319 18.86 31.23 -23.33
CA CYS A 319 17.93 32.08 -24.00
C CYS A 319 18.24 33.51 -23.52
N GLY A 320 17.76 34.52 -24.21
CA GLY A 320 17.82 35.89 -23.66
C GLY A 320 16.53 36.36 -23.01
N PRO A 321 16.41 37.67 -22.81
CA PRO A 321 15.36 38.29 -22.05
C PRO A 321 13.98 38.28 -22.63
N GLU A 322 13.84 38.40 -23.95
CA GLU A 322 12.48 38.29 -24.52
C GLU A 322 11.96 36.86 -24.35
N SER A 323 12.88 35.90 -24.46
CA SER A 323 12.53 34.50 -24.27
C SER A 323 12.10 34.31 -22.83
N SER A 324 12.81 34.92 -21.89
CA SER A 324 12.45 34.75 -20.50
C SER A 324 11.06 35.34 -20.25
N LYS A 325 10.75 36.47 -20.91
CA LYS A 325 9.40 37.03 -20.80
C LYS A 325 8.35 36.11 -21.38
N LYS A 326 8.62 35.50 -22.54
CA LYS A 326 7.60 34.58 -23.09
C LYS A 326 7.45 33.30 -22.21
N TYR A 327 8.57 32.81 -21.69
CA TYR A 327 8.50 31.68 -20.71
C TYR A 327 7.67 32.07 -19.51
N ALA A 328 7.89 33.27 -19.00
CA ALA A 328 7.12 33.80 -17.85
C ALA A 328 5.63 33.88 -18.10
N GLU A 329 5.25 34.26 -19.34
CA GLU A 329 3.83 34.27 -19.70
C GLU A 329 3.19 32.93 -19.56
N ALA A 330 3.89 31.89 -20.03
CA ALA A 330 3.33 30.53 -19.97
C ALA A 330 3.28 30.09 -18.49
N VAL A 331 4.37 30.34 -17.74
CA VAL A 331 4.35 30.03 -16.26
C VAL A 331 3.17 30.71 -15.53
N THR A 332 2.88 31.96 -15.89
CA THR A 332 1.82 32.74 -15.26
C THR A 332 0.46 32.19 -15.58
N ARG A 333 0.28 31.58 -16.77
CA ARG A 333 -1.00 30.90 -17.06
C ARG A 333 -1.10 29.57 -16.36
N ALA A 334 0.01 28.99 -15.91
CA ALA A 334 -0.10 27.60 -15.39
C ALA A 334 -0.70 27.44 -13.99
N LYS A 335 -1.53 26.40 -13.77
CA LYS A 335 -1.90 25.92 -12.43
C LYS A 335 -1.06 24.73 -12.05
N GLN A 336 -0.53 24.00 -13.04
CA GLN A 336 0.50 22.99 -12.71
C GLN A 336 1.69 23.06 -13.69
N ILE A 337 2.93 22.94 -13.19
CA ILE A 337 4.17 23.00 -13.98
C ILE A 337 5.03 21.79 -13.67
N VAL A 338 5.43 21.02 -14.70
CA VAL A 338 6.41 19.98 -14.44
C VAL A 338 7.61 20.42 -15.28
N TRP A 339 8.77 20.63 -14.67
CA TRP A 339 9.95 21.19 -15.36
C TRP A 339 11.12 20.18 -15.29
N ASN A 340 11.61 19.79 -16.46
CA ASN A 340 12.64 18.78 -16.56
C ASN A 340 13.67 19.26 -17.61
N GLY A 341 14.87 19.58 -17.11
CA GLY A 341 15.97 20.02 -17.97
C GLY A 341 16.12 21.54 -17.97
N PRO A 342 17.39 22.03 -17.90
CA PRO A 342 17.65 23.48 -17.91
C PRO A 342 17.47 24.05 -19.33
N VAL A 343 17.24 25.35 -19.37
CA VAL A 343 17.06 26.15 -20.59
C VAL A 343 18.35 26.82 -21.11
N GLY A 344 19.46 26.55 -20.43
CA GLY A 344 20.76 27.10 -20.85
C GLY A 344 21.82 26.43 -20.02
N VAL A 345 23.08 26.76 -20.29
CA VAL A 345 24.16 26.09 -19.62
C VAL A 345 24.34 26.75 -18.22
N PHE A 346 23.40 26.51 -17.27
CA PHE A 346 23.38 27.27 -16.04
C PHE A 346 24.57 27.02 -15.08
N GLU A 347 25.38 26.03 -15.37
CA GLU A 347 26.58 25.72 -14.58
C GLU A 347 27.61 26.84 -14.69
N TRP A 348 27.58 27.56 -15.82
CA TRP A 348 28.44 28.71 -16.09
C TRP A 348 27.61 29.95 -15.94
N GLU A 349 28.02 30.84 -15.03
CA GLU A 349 27.25 32.08 -14.73
C GLU A 349 26.83 32.97 -15.94
N ALA A 350 27.72 33.10 -16.90
CA ALA A 350 27.45 33.82 -18.15
C ALA A 350 26.18 33.31 -18.89
N PHE A 351 25.82 32.05 -18.65
CA PHE A 351 24.74 31.36 -19.38
C PHE A 351 23.69 30.77 -18.42
N ALA A 352 23.62 31.35 -17.22
CA ALA A 352 22.67 30.97 -16.20
C ALA A 352 21.43 31.82 -16.10
N ARG A 353 21.38 33.02 -16.74
CA ARG A 353 20.34 33.97 -16.37
C ARG A 353 18.92 33.51 -16.72
N GLY A 354 18.80 32.84 -17.87
CA GLY A 354 17.51 32.33 -18.28
C GLY A 354 16.98 31.27 -17.31
N THR A 355 17.86 30.35 -16.88
CA THR A 355 17.45 29.28 -15.95
C THR A 355 17.02 29.93 -14.60
N LYS A 356 17.78 30.95 -14.17
CA LYS A 356 17.48 31.68 -12.90
C LYS A 356 16.23 32.46 -12.99
N ALA A 357 16.01 33.14 -14.12
CA ALA A 357 14.76 33.91 -14.28
C ALA A 357 13.54 33.01 -14.24
N LEU A 358 13.69 31.88 -14.94
CA LEU A 358 12.60 30.87 -15.01
C LEU A 358 12.28 30.30 -13.59
N MET A 359 13.34 29.91 -12.87
CA MET A 359 13.20 29.52 -11.46
C MET A 359 12.43 30.61 -10.66
N ASP A 360 12.82 31.88 -10.83
CA ASP A 360 12.09 32.97 -10.19
C ASP A 360 10.64 32.94 -10.46
N GLU A 361 10.24 32.74 -11.73
CA GLU A 361 8.84 32.69 -12.05
C GLU A 361 8.15 31.49 -11.43
N VAL A 362 8.82 30.35 -11.46
CA VAL A 362 8.28 29.13 -10.89
C VAL A 362 8.04 29.24 -9.37
N VAL A 363 8.98 29.87 -8.69
CA VAL A 363 8.87 30.13 -7.21
C VAL A 363 7.70 31.05 -6.88
N LYS A 364 7.54 32.12 -7.68
CA LYS A 364 6.38 33.00 -7.59
C LYS A 364 5.08 32.26 -7.89
N ALA A 365 5.16 31.33 -8.84
CA ALA A 365 3.96 30.53 -9.10
C ALA A 365 3.57 29.65 -7.91
N THR A 366 4.54 29.08 -7.24
CA THR A 366 4.25 28.24 -6.03
C THR A 366 3.49 29.12 -5.01
N SER A 367 4.01 30.34 -4.71
CA SER A 367 3.35 31.31 -3.79
C SER A 367 1.95 31.66 -4.13
N ARG A 368 1.59 31.61 -5.42
CA ARG A 368 0.18 31.81 -5.85
C ARG A 368 -0.71 30.60 -5.66
N GLY A 369 -0.16 29.46 -5.22
CA GLY A 369 -0.99 28.26 -5.13
C GLY A 369 -0.82 27.24 -6.25
N CYS A 370 0.07 27.53 -7.20
CA CYS A 370 0.26 26.63 -8.34
C CYS A 370 1.17 25.42 -7.95
N ILE A 371 0.91 24.27 -8.55
CA ILE A 371 1.76 23.11 -8.32
C ILE A 371 2.97 23.17 -9.18
N THR A 372 4.12 23.07 -8.55
CA THR A 372 5.37 23.13 -9.28
C THR A 372 6.25 21.96 -8.96
N ILE A 373 6.59 21.19 -9.99
CA ILE A 373 7.38 19.97 -9.84
C ILE A 373 8.63 20.18 -10.65
N ILE A 374 9.78 20.09 -10.01
CA ILE A 374 11.04 20.31 -10.74
C ILE A 374 11.93 19.06 -10.59
N GLY A 375 12.84 18.86 -11.52
CA GLY A 375 13.51 17.55 -11.60
C GLY A 375 14.84 17.43 -10.88
N GLY A 376 15.34 16.16 -10.90
CA GLY A 376 16.77 15.86 -10.82
C GLY A 376 17.44 16.06 -12.20
N ASP A 390 11.78 24.03 -0.47
CA ASP A 390 10.41 24.35 -0.08
C ASP A 390 9.84 25.61 -0.80
N LYS A 391 10.46 26.00 -1.93
CA LYS A 391 10.05 27.16 -2.73
C LYS A 391 9.17 26.68 -3.88
N VAL A 392 9.14 25.36 -4.03
CA VAL A 392 8.33 24.70 -5.05
C VAL A 392 7.69 23.53 -4.42
N SER A 393 6.58 23.06 -5.02
CA SER A 393 5.81 22.00 -4.49
C SER A 393 6.62 20.71 -4.32
N HIS A 394 7.40 20.34 -5.33
CA HIS A 394 8.14 19.05 -5.24
C HIS A 394 9.46 19.14 -6.01
N VAL A 395 10.60 18.94 -5.32
CA VAL A 395 11.86 18.77 -6.04
C VAL A 395 12.13 17.28 -6.15
N SER A 396 11.99 16.71 -7.32
CA SER A 396 12.22 15.30 -7.47
C SER A 396 13.72 14.93 -7.38
N THR A 397 13.99 13.79 -6.77
CA THR A 397 15.34 13.16 -6.73
C THR A 397 15.48 12.21 -7.87
N GLY A 398 14.44 12.07 -8.70
CA GLY A 398 14.33 10.98 -9.63
C GLY A 398 15.35 10.87 -10.74
N GLY A 399 15.78 11.99 -11.30
CA GLY A 399 16.68 11.93 -12.45
C GLY A 399 16.14 11.11 -13.63
N GLY A 400 16.96 10.17 -14.08
CA GLY A 400 16.60 9.23 -15.15
C GLY A 400 15.35 8.41 -14.86
N ALA A 401 15.08 8.10 -13.58
CA ALA A 401 13.82 7.45 -13.17
C ALA A 401 12.56 8.32 -13.39
N SER A 402 12.66 9.63 -13.06
CA SER A 402 11.61 10.61 -13.38
C SER A 402 11.34 10.71 -14.89
N LEU A 403 12.41 10.74 -15.70
CA LEU A 403 12.26 10.74 -17.17
C LEU A 403 11.57 9.44 -17.61
N GLU A 404 11.93 8.31 -17.00
CA GLU A 404 11.32 7.06 -17.41
C GLU A 404 9.85 6.92 -17.00
N LEU A 405 9.51 7.45 -15.82
CA LEU A 405 8.12 7.58 -15.40
C LEU A 405 7.33 8.47 -16.34
N LEU A 406 7.93 9.57 -16.79
CA LEU A 406 7.30 10.55 -17.66
C LEU A 406 7.20 10.07 -19.11
N GLU A 407 7.70 8.88 -19.40
CA GLU A 407 7.73 8.34 -20.76
C GLU A 407 6.83 7.15 -20.78
N GLY A 408 5.97 7.06 -19.76
CA GLY A 408 5.03 5.95 -19.57
C GLY A 408 5.60 4.64 -19.06
N LYS A 409 6.94 4.57 -18.92
CA LYS A 409 7.64 3.32 -18.60
C LYS A 409 7.45 2.86 -17.12
N VAL A 410 7.79 1.59 -16.91
CA VAL A 410 7.71 0.88 -15.62
C VAL A 410 9.03 0.85 -14.84
N LEU A 411 8.87 0.70 -13.54
CA LEU A 411 9.95 0.88 -12.60
C LEU A 411 10.19 -0.49 -11.92
N PRO A 412 11.17 -1.27 -12.41
CA PRO A 412 11.42 -2.57 -11.80
C PRO A 412 11.63 -2.53 -10.23
N GLY A 413 12.19 -1.44 -9.70
CA GLY A 413 12.38 -1.25 -8.25
C GLY A 413 11.06 -1.18 -7.48
N VAL A 414 10.02 -0.63 -8.11
CA VAL A 414 8.65 -0.62 -7.54
C VAL A 414 7.99 -1.99 -7.65
N ASP A 415 8.02 -2.49 -8.87
CA ASP A 415 7.51 -3.85 -9.21
C ASP A 415 7.96 -5.00 -8.28
N ALA A 416 9.25 -5.00 -7.93
CA ALA A 416 9.78 -6.01 -7.02
C ALA A 416 9.43 -5.93 -5.54
N LEU A 417 8.76 -4.87 -5.10
CA LEU A 417 8.30 -4.81 -3.74
C LEU A 417 7.25 -5.91 -3.44
N SER A 418 7.23 -6.32 -2.19
CA SER A 418 6.24 -7.24 -1.66
C SER A 418 4.79 -6.76 -1.87
N ASN A 419 3.95 -7.68 -2.25
CA ASN A 419 2.49 -7.38 -2.22
C ASN A 419 1.98 -7.53 -0.82
N ILE A 420 0.97 -6.72 -0.54
CA ILE A 420 0.22 -6.92 0.68
C ILE A 420 -0.50 -8.24 0.48
N LEU B 6 -9.81 -19.05 -2.80
CA LEU B 6 -8.44 -19.39 -2.34
C LEU B 6 -7.45 -19.24 -3.50
N SER B 7 -6.45 -20.15 -3.53
CA SER B 7 -5.31 -20.07 -4.45
C SER B 7 -5.72 -20.50 -5.87
N ASN B 8 -6.90 -21.13 -5.96
CA ASN B 8 -7.42 -21.63 -7.23
C ASN B 8 -8.51 -20.74 -7.78
N LYS B 9 -8.67 -19.55 -7.18
CA LYS B 9 -9.66 -18.56 -7.59
C LYS B 9 -8.98 -17.28 -8.12
N LEU B 10 -9.67 -16.62 -9.06
CA LEU B 10 -9.34 -15.30 -9.52
C LEU B 10 -9.34 -14.32 -8.35
N THR B 11 -8.25 -13.58 -8.23
CA THR B 11 -8.22 -12.49 -7.26
C THR B 11 -7.94 -11.17 -7.95
N LEU B 12 -8.28 -10.09 -7.24
CA LEU B 12 -8.24 -8.74 -7.80
C LEU B 12 -6.87 -8.34 -8.41
N ASP B 13 -5.77 -8.74 -7.80
CA ASP B 13 -4.38 -8.45 -8.36
C ASP B 13 -4.15 -8.98 -9.77
N LYS B 14 -4.96 -9.96 -10.17
CA LYS B 14 -4.92 -10.56 -11.51
C LYS B 14 -6.08 -10.21 -12.43
N LEU B 15 -7.00 -9.42 -11.90
CA LEU B 15 -8.20 -9.11 -12.58
C LEU B 15 -7.90 -7.95 -13.49
N ASP B 16 -8.35 -8.05 -14.75
CA ASP B 16 -8.20 -6.89 -15.69
C ASP B 16 -9.32 -5.92 -15.39
N VAL B 17 -8.93 -4.77 -14.85
CA VAL B 17 -9.89 -3.76 -14.49
C VAL B 17 -9.69 -2.55 -15.36
N LYS B 18 -8.59 -2.57 -16.13
CA LYS B 18 -8.34 -1.40 -16.95
C LYS B 18 -9.46 -1.11 -17.91
N GLY B 19 -10.09 0.06 -17.73
CA GLY B 19 -11.17 0.51 -18.57
C GLY B 19 -12.49 -0.23 -18.34
N LYS B 20 -12.62 -0.90 -17.17
CA LYS B 20 -13.87 -1.67 -16.85
C LYS B 20 -14.68 -0.91 -15.83
N ARG B 21 -16.01 -1.06 -15.90
CA ARG B 21 -16.82 -0.77 -14.74
C ARG B 21 -16.75 -1.98 -13.77
N VAL B 22 -16.54 -1.67 -12.52
CA VAL B 22 -16.41 -2.71 -11.50
C VAL B 22 -17.67 -2.61 -10.65
N VAL B 23 -18.28 -3.77 -10.36
CA VAL B 23 -19.34 -3.87 -9.38
C VAL B 23 -18.70 -4.77 -8.32
N MET B 24 -18.71 -4.30 -7.06
CA MET B 24 -17.99 -4.94 -6.00
C MET B 24 -18.94 -5.16 -4.79
N ARG B 25 -19.13 -6.42 -4.37
CA ARG B 25 -19.86 -6.68 -3.10
C ARG B 25 -18.93 -6.44 -1.94
N VAL B 26 -19.40 -5.73 -0.92
CA VAL B 26 -18.50 -5.50 0.26
C VAL B 26 -19.37 -5.88 1.43
N ASP B 27 -18.75 -6.08 2.58
CA ASP B 27 -19.54 -6.22 3.81
C ASP B 27 -19.45 -4.92 4.62
N PHE B 28 -20.46 -4.08 4.46
CA PHE B 28 -20.54 -2.81 5.22
C PHE B 28 -21.60 -2.97 6.29
N ASN B 29 -21.81 -4.21 6.76
CA ASN B 29 -22.79 -4.49 7.81
C ASN B 29 -22.19 -4.18 9.18
N VAL B 30 -22.07 -2.89 9.43
CA VAL B 30 -21.45 -2.42 10.62
C VAL B 30 -22.42 -2.28 11.79
N PRO B 31 -21.89 -2.52 13.01
CA PRO B 31 -22.69 -2.28 14.21
C PRO B 31 -23.02 -0.78 14.34
N MET B 32 -24.25 -0.50 14.74
CA MET B 32 -24.58 0.84 15.12
C MET B 32 -25.59 0.91 16.23
N LYS B 33 -25.78 2.11 16.74
CA LYS B 33 -26.75 2.37 17.77
C LYS B 33 -27.19 3.75 17.38
N ASN B 34 -28.51 3.90 17.10
CA ASN B 34 -29.07 5.00 16.27
C ASN B 34 -28.61 4.83 14.82
N ASN B 35 -28.55 5.89 14.02
CA ASN B 35 -27.77 5.77 12.75
C ASN B 35 -26.32 6.25 12.99
N GLN B 36 -25.75 5.78 14.09
CA GLN B 36 -24.34 6.06 14.40
C GLN B 36 -23.48 4.79 14.35
N ILE B 37 -22.47 4.79 13.49
CA ILE B 37 -21.58 3.63 13.34
C ILE B 37 -20.68 3.44 14.57
N THR B 38 -20.73 2.26 15.17
CA THR B 38 -19.97 2.03 16.42
C THR B 38 -18.66 1.33 16.20
N ASN B 39 -18.43 0.75 15.02
CA ASN B 39 -17.11 0.14 14.68
C ASN B 39 -17.08 0.20 13.17
N ASN B 40 -16.15 0.98 12.63
CA ASN B 40 -16.12 1.19 11.15
C ASN B 40 -15.12 0.24 10.48
N GLN B 41 -14.71 -0.79 11.20
CA GLN B 41 -13.57 -1.62 10.78
C GLN B 41 -13.90 -2.31 9.44
N ARG B 42 -15.13 -2.78 9.28
CA ARG B 42 -15.53 -3.42 8.00
C ARG B 42 -15.45 -2.46 6.79
N ILE B 43 -15.65 -1.15 7.06
CA ILE B 43 -15.63 -0.15 5.99
C ILE B 43 -14.18 0.16 5.58
N LYS B 44 -13.37 0.48 6.58
CA LYS B 44 -11.93 0.61 6.37
C LYS B 44 -11.32 -0.53 5.65
N ALA B 45 -11.69 -1.76 6.02
CA ALA B 45 -11.17 -3.02 5.43
C ALA B 45 -11.30 -3.19 3.91
N ALA B 46 -12.31 -2.53 3.33
CA ALA B 46 -12.61 -2.56 1.90
C ALA B 46 -11.87 -1.54 1.10
N VAL B 47 -11.22 -0.58 1.77
CA VAL B 47 -10.55 0.53 1.07
C VAL B 47 -9.41 0.10 0.09
N PRO B 48 -8.53 -0.86 0.48
CA PRO B 48 -7.43 -1.17 -0.43
C PRO B 48 -7.97 -1.72 -1.77
N SER B 49 -9.03 -2.51 -1.74
CA SER B 49 -9.62 -3.00 -3.01
C SER B 49 -10.12 -1.85 -3.90
N ILE B 50 -10.84 -0.92 -3.26
CA ILE B 50 -11.40 0.20 -3.99
C ILE B 50 -10.30 1.02 -4.63
N LYS B 51 -9.28 1.36 -3.85
CA LYS B 51 -8.17 2.14 -4.37
C LYS B 51 -7.45 1.44 -5.51
N PHE B 52 -7.21 0.16 -5.34
CA PHE B 52 -6.57 -0.61 -6.41
C PHE B 52 -7.33 -0.52 -7.72
N CYS B 53 -8.66 -0.66 -7.68
CA CYS B 53 -9.42 -0.60 -8.89
C CYS B 53 -9.20 0.73 -9.60
N LEU B 54 -9.32 1.84 -8.88
CA LEU B 54 -9.20 3.22 -9.46
C LEU B 54 -7.74 3.39 -9.94
N ASP B 55 -6.80 2.94 -9.11
CA ASP B 55 -5.37 3.11 -9.43
C ASP B 55 -4.96 2.34 -10.72
N ASN B 56 -5.69 1.27 -11.02
CA ASN B 56 -5.43 0.43 -12.14
C ASN B 56 -6.41 0.67 -13.32
N GLY B 57 -7.03 1.84 -13.35
CA GLY B 57 -7.77 2.33 -14.56
C GLY B 57 -9.25 1.90 -14.66
N ALA B 58 -9.84 1.43 -13.56
CA ALA B 58 -11.30 1.09 -13.61
C ALA B 58 -12.00 2.36 -14.00
N LYS B 59 -13.08 2.26 -14.77
CA LYS B 59 -13.86 3.44 -15.11
C LYS B 59 -14.62 4.01 -13.90
N SER B 60 -15.02 3.10 -12.97
CA SER B 60 -15.80 3.41 -11.76
C SER B 60 -15.95 2.15 -11.00
N VAL B 61 -16.38 2.33 -9.76
CA VAL B 61 -16.62 1.19 -8.83
C VAL B 61 -18.00 1.45 -8.19
N VAL B 62 -18.87 0.46 -8.38
CA VAL B 62 -20.16 0.44 -7.66
C VAL B 62 -20.07 -0.58 -6.56
N LEU B 63 -20.29 -0.10 -5.32
CA LEU B 63 -20.30 -0.85 -4.10
C LEU B 63 -21.75 -1.28 -3.72
N MET B 64 -21.87 -2.53 -3.39
CA MET B 64 -23.18 -3.04 -2.83
C MET B 64 -23.03 -3.91 -1.59
N SER B 65 -23.98 -3.77 -0.65
CA SER B 65 -23.84 -4.33 0.66
C SER B 65 -25.25 -4.47 1.27
N HIS B 66 -25.39 -5.31 2.27
CA HIS B 66 -26.60 -5.20 3.14
C HIS B 66 -26.22 -4.52 4.49
N LEU B 67 -27.22 -4.22 5.27
CA LEU B 67 -27.01 -3.75 6.62
C LEU B 67 -28.19 -4.26 7.46
N GLY B 68 -27.83 -4.93 8.53
CA GLY B 68 -28.80 -5.46 9.46
C GLY B 68 -29.61 -6.57 8.83
N ARG B 69 -30.78 -6.77 9.41
CA ARG B 69 -31.65 -7.80 8.87
C ARG B 69 -33.03 -7.20 8.61
N PRO B 70 -33.15 -6.33 7.57
CA PRO B 70 -34.51 -5.83 7.28
C PRO B 70 -35.44 -6.91 6.64
N ASP B 71 -34.91 -8.05 6.21
CA ASP B 71 -35.78 -9.21 5.78
C ASP B 71 -36.61 -8.94 4.52
N GLY B 72 -36.12 -8.04 3.68
CA GLY B 72 -36.69 -7.93 2.39
C GLY B 72 -37.75 -6.88 2.41
N VAL B 73 -37.77 -6.10 3.48
CA VAL B 73 -38.68 -4.95 3.64
C VAL B 73 -37.77 -3.70 3.62
N PRO B 74 -38.17 -2.69 2.85
CA PRO B 74 -37.45 -1.40 2.97
C PRO B 74 -37.65 -0.76 4.37
N MET B 75 -36.51 -0.49 5.01
CA MET B 75 -36.42 0.16 6.31
C MET B 75 -35.40 1.35 6.30
N PRO B 76 -35.65 2.36 5.46
CA PRO B 76 -34.69 3.45 5.28
C PRO B 76 -34.51 4.27 6.51
N ASP B 77 -35.39 4.07 7.50
CA ASP B 77 -35.28 4.85 8.74
C ASP B 77 -34.55 4.09 9.80
N LYS B 78 -34.25 2.83 9.54
CA LYS B 78 -33.53 2.03 10.48
C LYS B 78 -32.23 1.45 9.93
N TYR B 79 -32.20 1.07 8.64
CA TYR B 79 -31.10 0.23 8.10
C TYR B 79 -30.62 0.75 6.78
N SER B 80 -30.60 2.08 6.65
CA SER B 80 -30.10 2.75 5.43
C SER B 80 -28.57 2.71 5.51
N LEU B 81 -27.94 2.50 4.35
CA LEU B 81 -26.47 2.51 4.20
C LEU B 81 -25.96 3.94 4.00
N GLU B 82 -26.87 4.91 4.07
CA GLU B 82 -26.45 6.32 4.00
C GLU B 82 -25.28 6.75 4.89
N PRO B 83 -25.33 6.45 6.22
CA PRO B 83 -24.29 6.83 7.11
C PRO B 83 -22.96 6.19 6.69
N VAL B 84 -23.03 4.99 6.13
CA VAL B 84 -21.79 4.30 5.72
C VAL B 84 -21.16 5.04 4.51
N ALA B 85 -21.96 5.54 3.56
CA ALA B 85 -21.42 6.31 2.41
C ALA B 85 -20.66 7.51 2.98
N VAL B 86 -21.21 8.15 4.00
CA VAL B 86 -20.55 9.34 4.60
C VAL B 86 -19.18 8.94 5.25
N GLU B 87 -19.18 7.92 6.09
CA GLU B 87 -17.99 7.36 6.73
C GLU B 87 -16.92 6.96 5.70
N LEU B 88 -17.36 6.23 4.66
CA LEU B 88 -16.43 5.78 3.59
C LEU B 88 -15.71 6.92 2.86
N LYS B 89 -16.41 7.99 2.62
CA LYS B 89 -15.84 9.15 1.97
C LYS B 89 -14.58 9.62 2.73
N SER B 90 -14.67 9.67 4.07
CA SER B 90 -13.51 10.09 4.87
C SER B 90 -12.43 9.04 4.92
N LEU B 91 -12.80 7.74 4.99
CA LEU B 91 -11.78 6.67 5.08
C LEU B 91 -11.08 6.48 3.78
N LEU B 92 -11.82 6.63 2.69
CA LEU B 92 -11.27 6.41 1.34
C LEU B 92 -10.52 7.63 0.81
N GLY B 93 -10.94 8.86 1.16
CA GLY B 93 -10.33 10.06 0.63
C GLY B 93 -10.76 10.39 -0.79
N LYS B 94 -11.95 9.93 -1.17
CA LYS B 94 -12.52 10.15 -2.50
C LYS B 94 -13.99 10.28 -2.25
N ASP B 95 -14.66 11.01 -3.11
CA ASP B 95 -16.09 11.19 -2.94
C ASP B 95 -16.82 9.85 -3.16
N VAL B 96 -17.95 9.67 -2.46
CA VAL B 96 -18.71 8.45 -2.53
C VAL B 96 -20.14 8.92 -2.83
N LEU B 97 -20.76 8.45 -3.92
CA LEU B 97 -22.16 8.86 -4.33
C LEU B 97 -23.14 7.77 -3.84
N PHE B 98 -24.13 8.14 -3.05
CA PHE B 98 -25.03 7.17 -2.51
C PHE B 98 -26.29 7.15 -3.41
N LEU B 99 -26.59 6.01 -3.96
CA LEU B 99 -27.69 5.85 -4.89
C LEU B 99 -28.64 4.80 -4.37
N LYS B 100 -29.92 5.17 -4.31
CA LYS B 100 -30.91 4.35 -3.68
C LYS B 100 -31.76 3.48 -4.64
N ASP B 101 -31.81 3.82 -5.93
CA ASP B 101 -32.74 3.24 -6.91
C ASP B 101 -32.14 2.43 -8.06
N CYS B 102 -30.96 1.81 -7.95
CA CYS B 102 -30.28 1.17 -9.08
C CYS B 102 -30.65 -0.31 -9.42
N VAL B 103 -31.51 -0.91 -8.64
CA VAL B 103 -31.83 -2.30 -8.85
C VAL B 103 -33.19 -2.53 -9.55
N GLU B 108 -31.68 3.60 -14.79
CA GLU B 108 -30.42 3.54 -14.01
C GLU B 108 -29.32 4.50 -14.53
N LYS B 109 -28.21 3.96 -15.06
CA LYS B 109 -27.25 4.73 -15.92
C LYS B 109 -26.55 6.00 -15.35
N ALA B 110 -26.94 6.45 -14.15
CA ALA B 110 -26.01 6.98 -13.12
C ALA B 110 -25.50 5.70 -12.49
N CYS B 111 -26.41 4.71 -12.48
CA CYS B 111 -26.19 3.37 -11.97
C CYS B 111 -25.25 2.54 -12.85
N ALA B 112 -25.66 2.34 -14.11
CA ALA B 112 -24.93 1.44 -14.98
C ALA B 112 -23.88 2.20 -15.79
N ASN B 113 -24.02 3.53 -15.79
CA ASN B 113 -23.08 4.36 -16.53
C ASN B 113 -22.56 5.56 -15.69
N PRO B 114 -21.86 5.32 -14.55
CA PRO B 114 -21.39 6.46 -13.77
C PRO B 114 -20.32 7.29 -14.50
N ALA B 115 -20.08 8.50 -14.01
CA ALA B 115 -18.97 9.38 -14.49
C ALA B 115 -17.68 8.64 -14.17
N ALA B 116 -16.67 8.87 -15.03
CA ALA B 116 -15.34 8.34 -14.84
C ALA B 116 -14.90 8.69 -13.44
N GLY B 117 -14.34 7.67 -12.80
CA GLY B 117 -13.71 7.80 -11.48
C GLY B 117 -14.67 7.65 -10.30
N SER B 118 -15.98 7.54 -10.56
CA SER B 118 -16.96 7.49 -9.50
C SER B 118 -16.83 6.28 -8.61
N VAL B 119 -17.08 6.50 -7.31
CA VAL B 119 -17.32 5.41 -6.35
C VAL B 119 -18.71 5.65 -5.85
N ILE B 120 -19.57 4.66 -6.11
CA ILE B 120 -20.96 4.71 -5.76
C ILE B 120 -21.19 3.65 -4.72
N LEU B 121 -22.03 3.99 -3.72
CA LEU B 121 -22.50 2.99 -2.77
C LEU B 121 -24.03 2.91 -2.98
N LEU B 122 -24.49 1.71 -3.25
CA LEU B 122 -25.99 1.48 -3.34
C LEU B 122 -26.65 1.35 -1.97
N GLU B 123 -27.97 1.63 -1.93
CA GLU B 123 -28.78 1.29 -0.75
C GLU B 123 -28.82 -0.22 -0.41
N ASN B 124 -29.13 -0.53 0.87
CA ASN B 124 -29.17 -1.85 1.41
C ASN B 124 -29.82 -2.82 0.46
N LEU B 125 -29.02 -3.80 0.02
CA LEU B 125 -29.57 -4.91 -0.83
C LEU B 125 -30.75 -5.70 -0.24
N ARG B 126 -30.76 -5.82 1.08
CA ARG B 126 -31.75 -6.67 1.76
C ARG B 126 -33.08 -5.89 1.98
N PHE B 127 -33.17 -4.69 1.43
CA PHE B 127 -34.51 -4.08 1.21
C PHE B 127 -35.30 -4.81 0.10
N HIS B 128 -34.65 -5.77 -0.56
CA HIS B 128 -35.23 -6.51 -1.66
C HIS B 128 -35.29 -7.96 -1.22
N VAL B 129 -36.47 -8.60 -1.27
CA VAL B 129 -36.56 -10.03 -0.85
C VAL B 129 -35.67 -10.96 -1.76
N GLU B 130 -35.35 -10.50 -2.98
CA GLU B 130 -34.62 -11.29 -3.99
C GLU B 130 -33.13 -11.44 -3.67
N GLU B 131 -32.65 -10.60 -2.75
CA GLU B 131 -31.28 -10.70 -2.21
C GLU B 131 -31.13 -12.02 -1.41
N GLU B 132 -31.88 -12.20 -0.34
CA GLU B 132 -31.79 -13.47 0.36
C GLU B 132 -32.60 -14.57 -0.33
N GLY B 133 -33.60 -14.21 -1.11
CA GLY B 133 -34.41 -15.24 -1.74
C GLY B 133 -35.65 -15.61 -0.92
N LYS B 134 -35.72 -15.06 0.29
CA LYS B 134 -36.86 -15.18 1.16
C LYS B 134 -36.79 -14.01 2.13
N GLY B 135 -37.82 -13.89 2.99
CA GLY B 135 -37.89 -12.78 3.91
C GLY B 135 -39.24 -12.75 4.60
N LYS B 136 -39.61 -11.53 5.00
CA LYS B 136 -40.82 -11.21 5.74
C LYS B 136 -41.41 -9.96 5.15
N ASP B 137 -42.72 -9.84 5.27
CA ASP B 137 -43.40 -8.57 4.96
C ASP B 137 -43.38 -7.67 6.18
N ALA B 138 -43.96 -6.47 6.06
CA ALA B 138 -44.01 -5.55 7.20
C ALA B 138 -44.91 -5.98 8.36
N SER B 139 -45.50 -7.19 8.33
CA SER B 139 -46.18 -7.72 9.53
C SER B 139 -45.38 -8.79 10.25
N GLY B 140 -44.29 -9.25 9.62
CA GLY B 140 -43.50 -10.36 10.20
C GLY B 140 -43.85 -11.72 9.62
N ASN B 141 -44.80 -11.75 8.68
CA ASN B 141 -45.09 -12.98 7.93
C ASN B 141 -44.07 -13.34 6.86
N LYS B 142 -43.74 -14.64 6.83
CA LYS B 142 -42.87 -15.24 5.79
C LYS B 142 -43.28 -14.96 4.37
N VAL B 143 -42.29 -14.67 3.54
CA VAL B 143 -42.48 -14.58 2.09
C VAL B 143 -41.36 -15.32 1.30
N LYS B 144 -41.73 -15.92 0.18
CA LYS B 144 -40.75 -16.51 -0.71
C LYS B 144 -40.55 -15.59 -1.92
N ALA B 145 -39.33 -15.60 -2.44
CA ALA B 145 -39.01 -14.85 -3.65
C ALA B 145 -39.44 -15.75 -4.81
N GLU B 146 -39.86 -15.14 -5.89
CA GLU B 146 -40.31 -15.81 -7.10
C GLU B 146 -39.08 -15.89 -8.02
N PRO B 147 -38.87 -17.06 -8.69
CA PRO B 147 -37.73 -17.21 -9.58
C PRO B 147 -37.54 -16.15 -10.63
N ALA B 148 -38.58 -15.75 -11.38
CA ALA B 148 -38.39 -14.71 -12.38
C ALA B 148 -37.91 -13.37 -11.76
N LYS B 149 -38.34 -13.07 -10.54
CA LYS B 149 -37.93 -11.87 -9.85
C LYS B 149 -36.50 -11.99 -9.35
N ILE B 150 -36.16 -13.16 -8.84
CA ILE B 150 -34.75 -13.45 -8.48
C ILE B 150 -33.84 -13.25 -9.71
N GLU B 151 -34.21 -13.83 -10.88
CA GLU B 151 -33.45 -13.59 -12.15
C GLU B 151 -33.30 -12.09 -12.46
N ALA B 152 -34.42 -11.37 -12.38
CA ALA B 152 -34.48 -9.94 -12.70
C ALA B 152 -33.50 -9.16 -11.80
N PHE B 153 -33.55 -9.46 -10.52
CA PHE B 153 -32.69 -8.77 -9.51
C PHE B 153 -31.22 -9.04 -9.82
N ARG B 154 -30.87 -10.32 -10.11
CA ARG B 154 -29.48 -10.69 -10.48
C ARG B 154 -29.01 -10.03 -11.78
N ALA B 155 -29.91 -9.91 -12.75
CA ALA B 155 -29.59 -9.16 -13.97
C ALA B 155 -29.34 -7.71 -13.64
N SER B 156 -30.20 -7.10 -12.81
CA SER B 156 -30.03 -5.69 -12.30
C SER B 156 -28.63 -5.47 -11.68
N LEU B 157 -28.22 -6.40 -10.83
CA LEU B 157 -26.86 -6.32 -10.21
C LEU B 157 -25.72 -6.48 -11.25
N SER B 158 -25.85 -7.43 -12.18
CA SER B 158 -24.84 -7.77 -13.20
C SER B 158 -24.65 -6.62 -14.20
N LYS B 159 -25.72 -5.91 -14.48
CA LYS B 159 -25.72 -4.70 -15.36
C LYS B 159 -24.84 -3.57 -14.84
N LEU B 160 -24.55 -3.60 -13.53
CA LEU B 160 -23.78 -2.57 -12.86
C LEU B 160 -22.27 -2.59 -13.14
N GLY B 161 -21.75 -3.67 -13.71
CA GLY B 161 -20.30 -3.76 -13.94
C GLY B 161 -19.94 -4.53 -15.21
N ASP B 162 -18.71 -4.38 -15.64
CA ASP B 162 -18.13 -5.26 -16.64
C ASP B 162 -17.53 -6.48 -15.95
N VAL B 163 -16.95 -6.24 -14.76
CA VAL B 163 -16.30 -7.29 -13.97
C VAL B 163 -16.86 -7.21 -12.53
N TYR B 164 -16.79 -8.33 -11.80
CA TYR B 164 -17.31 -8.42 -10.42
C TYR B 164 -16.18 -8.70 -9.43
N VAL B 165 -16.10 -7.95 -8.35
CA VAL B 165 -15.18 -8.28 -7.24
C VAL B 165 -16.03 -8.54 -5.96
N ASN B 166 -15.74 -9.62 -5.27
CA ASN B 166 -16.33 -9.90 -4.00
C ASN B 166 -15.32 -9.64 -2.87
N ASP B 167 -15.53 -8.57 -2.10
CA ASP B 167 -14.62 -8.35 -0.96
C ASP B 167 -15.42 -8.58 0.36
N ALA B 168 -16.60 -9.19 0.27
CA ALA B 168 -17.56 -9.25 1.39
C ALA B 168 -17.26 -10.49 2.25
N PHE B 169 -16.05 -10.55 2.81
CA PHE B 169 -15.69 -11.75 3.58
C PHE B 169 -16.75 -12.02 4.72
N GLY B 170 -17.23 -10.97 5.38
CA GLY B 170 -18.17 -11.16 6.52
C GLY B 170 -19.52 -11.72 6.07
N THR B 171 -19.72 -11.78 4.75
CA THR B 171 -20.98 -12.30 4.23
C THR B 171 -20.73 -13.60 3.40
N ALA B 172 -19.47 -14.04 3.35
CA ALA B 172 -19.11 -15.12 2.44
C ALA B 172 -19.82 -16.46 2.69
N HIS B 173 -20.38 -16.66 3.87
CA HIS B 173 -21.15 -17.87 4.26
C HIS B 173 -22.62 -17.80 3.75
N ARG B 174 -23.00 -16.69 3.15
CA ARG B 174 -24.34 -16.47 2.59
C ARG B 174 -24.44 -16.64 1.06
N ALA B 175 -25.29 -17.60 0.63
CA ALA B 175 -25.55 -17.84 -0.81
C ALA B 175 -26.65 -16.88 -1.33
N HIS B 176 -26.41 -15.57 -1.18
CA HIS B 176 -27.41 -14.58 -1.49
C HIS B 176 -27.14 -14.06 -2.90
N SER B 177 -28.13 -13.43 -3.53
CA SER B 177 -27.98 -13.03 -5.01
C SER B 177 -26.67 -12.22 -5.32
N SER B 178 -26.34 -11.25 -4.44
CA SER B 178 -25.15 -10.35 -4.65
C SER B 178 -23.82 -11.09 -4.43
N MET B 179 -23.92 -12.27 -3.75
CA MET B 179 -22.79 -13.11 -3.34
C MET B 179 -22.53 -14.25 -4.33
N VAL B 180 -23.58 -14.82 -4.91
CA VAL B 180 -23.41 -15.96 -5.78
C VAL B 180 -24.07 -15.89 -7.12
N GLY B 181 -24.92 -14.89 -7.29
CA GLY B 181 -25.77 -14.81 -8.49
C GLY B 181 -25.43 -13.71 -9.48
N VAL B 182 -24.22 -13.09 -9.40
CA VAL B 182 -23.85 -12.06 -10.35
C VAL B 182 -23.22 -12.69 -11.62
N ASN B 183 -23.81 -12.41 -12.76
CA ASN B 183 -23.52 -13.17 -13.96
C ASN B 183 -22.59 -12.36 -14.85
N LEU B 184 -21.32 -12.37 -14.47
CA LEU B 184 -20.33 -11.69 -15.35
C LEU B 184 -19.21 -12.66 -15.59
N PRO B 185 -18.44 -12.51 -16.72
CA PRO B 185 -17.37 -13.48 -17.07
C PRO B 185 -16.29 -13.62 -16.05
N GLN B 186 -15.90 -12.51 -15.41
CA GLN B 186 -14.80 -12.46 -14.42
C GLN B 186 -15.30 -12.01 -13.02
N LYS B 187 -15.21 -12.92 -12.08
CA LYS B 187 -15.66 -12.73 -10.70
C LYS B 187 -14.44 -13.03 -9.80
N ALA B 188 -13.94 -11.98 -9.17
CA ALA B 188 -12.61 -12.04 -8.47
C ALA B 188 -12.79 -11.76 -7.02
N GLY B 189 -12.08 -12.50 -6.16
CA GLY B 189 -11.96 -12.12 -4.77
C GLY B 189 -11.16 -10.88 -4.55
N GLY B 190 -11.68 -9.96 -3.77
CA GLY B 190 -10.92 -8.76 -3.54
C GLY B 190 -9.77 -8.99 -2.52
N PHE B 191 -9.00 -7.94 -2.24
CA PHE B 191 -7.82 -8.07 -1.34
C PHE B 191 -8.22 -8.40 0.12
N LEU B 192 -9.43 -7.98 0.54
CA LEU B 192 -9.81 -8.40 1.87
C LEU B 192 -10.18 -9.88 1.96
N MET B 193 -11.01 -10.34 1.00
CA MET B 193 -11.33 -11.73 0.87
C MET B 193 -10.01 -12.56 0.78
N LYS B 194 -9.04 -12.08 0.01
CA LYS B 194 -7.79 -12.79 -0.17
C LYS B 194 -7.03 -12.88 1.19
N LYS B 195 -6.82 -11.71 1.80
CA LYS B 195 -6.19 -11.57 3.15
C LYS B 195 -6.86 -12.47 4.18
N GLU B 196 -8.19 -12.40 4.29
CA GLU B 196 -8.90 -13.29 5.25
C GLU B 196 -8.66 -14.80 5.04
N LEU B 197 -8.92 -15.27 3.82
CA LEU B 197 -8.80 -16.67 3.48
C LEU B 197 -7.31 -17.16 3.62
N ASN B 198 -6.35 -16.33 3.25
CA ASN B 198 -4.89 -16.59 3.44
C ASN B 198 -4.45 -16.82 4.88
N TYR B 199 -4.97 -15.97 5.78
CA TYR B 199 -4.80 -16.22 7.22
C TYR B 199 -5.46 -17.47 7.77
N PHE B 200 -6.74 -17.67 7.49
CA PHE B 200 -7.41 -18.85 8.01
C PHE B 200 -6.97 -20.18 7.37
N ALA B 201 -6.56 -20.12 6.12
CA ALA B 201 -6.14 -21.32 5.39
C ALA B 201 -4.81 -21.84 5.97
N LYS B 202 -3.82 -20.95 6.05
CA LYS B 202 -2.50 -21.24 6.61
C LYS B 202 -2.62 -21.58 8.08
N ALA B 203 -3.56 -20.94 8.79
CA ALA B 203 -3.82 -21.26 10.18
C ALA B 203 -4.35 -22.67 10.31
N LEU B 204 -5.37 -23.02 9.50
CA LEU B 204 -6.04 -24.33 9.53
C LEU B 204 -5.43 -25.52 8.72
N GLU B 205 -4.56 -25.26 7.74
CA GLU B 205 -4.02 -26.36 6.96
C GLU B 205 -2.61 -26.61 7.28
N SER B 206 -1.79 -25.57 7.36
CA SER B 206 -0.43 -25.78 7.78
C SER B 206 -0.11 -24.91 8.98
N PRO B 207 -0.73 -25.21 10.14
CA PRO B 207 -0.56 -24.30 11.26
C PRO B 207 0.90 -24.22 11.69
N GLU B 208 1.32 -23.06 12.18
CA GLU B 208 2.51 -22.96 12.98
C GLU B 208 2.14 -23.65 14.28
N ARG B 209 3.12 -24.29 14.91
CA ARG B 209 2.87 -25.08 16.13
C ARG B 209 3.84 -24.71 17.28
N PRO B 210 3.36 -24.74 18.54
CA PRO B 210 1.98 -25.16 18.87
C PRO B 210 0.91 -24.16 18.43
N PHE B 211 -0.27 -24.69 18.14
CA PHE B 211 -1.42 -23.93 17.62
C PHE B 211 -2.44 -23.95 18.76
N LEU B 212 -2.79 -22.76 19.24
CA LEU B 212 -3.73 -22.65 20.35
C LEU B 212 -5.00 -22.01 19.78
N ALA B 213 -6.17 -22.54 20.11
CA ALA B 213 -7.38 -21.83 19.75
C ALA B 213 -7.96 -21.30 21.07
N ILE B 214 -8.33 -20.03 21.08
CA ILE B 214 -9.04 -19.49 22.25
C ILE B 214 -10.49 -19.35 21.79
N LEU B 215 -11.40 -20.12 22.36
CA LEU B 215 -12.81 -20.07 21.97
C LEU B 215 -13.65 -19.57 23.12
N GLY B 216 -14.33 -18.44 22.89
CA GLY B 216 -15.19 -17.84 23.92
C GLY B 216 -16.65 -17.83 23.46
N GLY B 217 -17.57 -17.90 24.40
CA GLY B 217 -18.99 -17.74 24.01
C GLY B 217 -19.91 -17.89 25.18
N ALA B 218 -21.09 -17.29 25.08
CA ALA B 218 -22.11 -17.36 26.14
C ALA B 218 -22.78 -18.71 26.09
N LYS B 219 -23.43 -19.00 24.96
CA LYS B 219 -24.28 -20.18 24.87
C LYS B 219 -23.54 -21.35 24.24
N VAL B 220 -23.25 -22.35 25.06
CA VAL B 220 -22.46 -23.50 24.64
C VAL B 220 -23.03 -24.17 23.41
N ALA B 221 -24.36 -24.31 23.34
CA ALA B 221 -24.97 -24.99 22.14
C ALA B 221 -24.44 -24.42 20.79
N ASP B 222 -24.23 -23.10 20.75
CA ASP B 222 -23.78 -22.39 19.57
C ASP B 222 -22.36 -22.68 19.17
N LYS B 223 -21.57 -23.25 20.08
CA LYS B 223 -20.13 -23.46 19.86
C LYS B 223 -19.74 -24.94 19.81
N ILE B 224 -20.72 -25.86 19.93
CA ILE B 224 -20.38 -27.32 19.97
C ILE B 224 -19.67 -27.66 18.70
N GLN B 225 -20.18 -27.17 17.57
CA GLN B 225 -19.53 -27.65 16.34
C GLN B 225 -18.19 -26.96 16.04
N LEU B 226 -18.03 -25.72 16.50
CA LEU B 226 -16.74 -25.05 16.35
C LEU B 226 -15.68 -25.81 17.21
N ILE B 227 -16.05 -26.11 18.46
CA ILE B 227 -15.11 -26.76 19.37
C ILE B 227 -14.75 -28.14 18.77
N ASN B 228 -15.78 -28.85 18.37
CA ASN B 228 -15.65 -30.17 17.77
C ASN B 228 -14.63 -30.18 16.61
N ASN B 229 -14.75 -29.25 15.67
CA ASN B 229 -13.82 -29.19 14.53
C ASN B 229 -12.38 -28.76 14.81
N MET B 230 -12.22 -27.72 15.64
CA MET B 230 -10.89 -27.18 15.95
C MET B 230 -10.09 -28.20 16.73
N LEU B 231 -10.79 -28.99 17.56
CA LEU B 231 -10.14 -30.16 18.22
C LEU B 231 -9.35 -31.04 17.27
N ASP B 232 -9.65 -30.98 15.98
CA ASP B 232 -8.89 -31.70 15.00
C ASP B 232 -7.61 -31.04 14.55
N LYS B 233 -7.45 -29.71 14.74
CA LYS B 233 -6.29 -28.93 14.20
C LYS B 233 -5.28 -28.42 15.24
N VAL B 234 -5.75 -28.27 16.49
CA VAL B 234 -4.97 -27.53 17.47
C VAL B 234 -4.16 -28.42 18.39
N ASN B 235 -3.19 -27.78 19.08
CA ASN B 235 -2.42 -28.41 20.13
C ASN B 235 -3.02 -28.10 21.52
N GLU B 236 -3.71 -26.95 21.62
CA GLU B 236 -4.24 -26.45 22.86
C GLU B 236 -5.49 -25.65 22.52
N MET B 237 -6.46 -25.74 23.42
CA MET B 237 -7.66 -24.96 23.34
C MET B 237 -8.03 -24.32 24.73
N ILE B 238 -8.15 -23.00 24.75
CA ILE B 238 -8.84 -22.34 25.84
C ILE B 238 -10.35 -22.33 25.52
N ILE B 239 -11.18 -22.81 26.45
CA ILE B 239 -12.61 -22.66 26.35
C ILE B 239 -13.08 -21.67 27.45
N GLY B 240 -13.48 -20.46 27.04
CA GLY B 240 -13.76 -19.38 27.95
C GLY B 240 -15.17 -18.78 27.73
N GLY B 241 -15.48 -17.77 28.53
CA GLY B 241 -16.80 -17.15 28.51
C GLY B 241 -17.84 -18.02 29.23
N GLY B 242 -19.11 -17.66 29.15
CA GLY B 242 -20.16 -18.33 29.96
C GLY B 242 -20.31 -19.80 29.62
N MET B 243 -20.03 -20.13 28.37
CA MET B 243 -20.05 -21.57 27.95
C MET B 243 -19.14 -22.49 28.75
N ALA B 244 -18.00 -22.00 29.29
CA ALA B 244 -17.16 -22.83 30.11
C ALA B 244 -17.93 -23.41 31.35
N PHE B 245 -18.96 -22.75 31.85
CA PHE B 245 -19.63 -23.22 33.06
C PHE B 245 -20.24 -24.61 32.87
N THR B 246 -20.60 -24.88 31.61
CA THR B 246 -21.16 -26.16 31.23
C THR B 246 -20.09 -27.20 31.36
N PHE B 247 -18.88 -26.92 30.85
CA PHE B 247 -17.77 -27.84 31.00
C PHE B 247 -17.39 -28.04 32.46
N LEU B 248 -17.36 -26.93 33.23
CA LEU B 248 -16.98 -26.97 34.66
C LEU B 248 -17.98 -27.73 35.54
N LYS B 249 -19.27 -27.52 35.35
CA LYS B 249 -20.31 -28.28 36.06
C LYS B 249 -20.09 -29.78 35.85
N VAL B 250 -19.87 -30.18 34.60
CA VAL B 250 -19.64 -31.60 34.24
C VAL B 250 -18.31 -32.20 34.72
N LEU B 251 -17.20 -31.51 34.48
CA LEU B 251 -15.84 -32.05 34.68
C LEU B 251 -15.36 -31.82 36.11
N ASN B 252 -15.87 -30.78 36.75
CA ASN B 252 -15.38 -30.43 38.08
C ASN B 252 -16.47 -30.54 39.13
N ASN B 253 -17.70 -30.79 38.70
CA ASN B 253 -18.87 -30.64 39.62
C ASN B 253 -18.76 -29.30 40.37
N MET B 254 -18.38 -28.26 39.61
CA MET B 254 -18.45 -26.90 40.12
C MET B 254 -19.91 -26.50 40.40
N GLU B 255 -20.15 -25.76 41.49
CA GLU B 255 -21.41 -25.03 41.66
C GLU B 255 -21.28 -23.65 40.98
N ILE B 256 -22.26 -23.32 40.16
CA ILE B 256 -22.15 -22.27 39.16
C ILE B 256 -23.22 -21.16 39.38
N GLY B 257 -23.99 -21.26 40.48
CA GLY B 257 -25.14 -20.36 40.69
C GLY B 257 -26.01 -20.16 39.46
N THR B 258 -26.32 -18.89 39.16
CA THR B 258 -27.17 -18.54 38.03
C THR B 258 -26.43 -18.32 36.69
N SER B 259 -25.16 -18.71 36.62
CA SER B 259 -24.38 -18.71 35.40
C SER B 259 -25.01 -19.57 34.29
N LEU B 260 -24.72 -19.17 33.06
CA LEU B 260 -25.26 -19.85 31.92
C LEU B 260 -24.92 -21.32 32.04
N PHE B 261 -25.94 -22.17 31.84
CA PHE B 261 -25.70 -23.60 31.72
C PHE B 261 -26.68 -24.21 30.75
N ASP B 262 -26.20 -25.18 29.97
CA ASP B 262 -27.07 -25.86 28.95
C ASP B 262 -27.08 -27.36 29.17
N GLU B 263 -28.24 -27.89 29.56
CA GLU B 263 -28.40 -29.29 30.01
C GLU B 263 -28.07 -30.23 28.86
N GLU B 264 -28.43 -29.80 27.65
CA GLU B 264 -28.22 -30.63 26.46
C GLU B 264 -26.75 -30.59 26.04
N GLY B 265 -26.12 -29.43 26.06
CA GLY B 265 -24.66 -29.36 25.74
C GLY B 265 -23.81 -30.05 26.80
N ALA B 266 -24.30 -30.07 28.04
CA ALA B 266 -23.63 -30.84 29.11
C ALA B 266 -23.42 -32.30 28.75
N LYS B 267 -24.34 -32.86 27.99
CA LYS B 267 -24.35 -34.25 27.58
C LYS B 267 -23.35 -34.56 26.50
N ILE B 268 -22.74 -33.51 25.91
CA ILE B 268 -21.79 -33.60 24.82
C ILE B 268 -20.32 -33.40 25.27
N VAL B 269 -20.13 -32.83 26.46
CA VAL B 269 -18.83 -32.66 27.07
C VAL B 269 -17.90 -33.89 27.05
N LYS B 270 -18.44 -35.07 27.40
CA LYS B 270 -17.65 -36.27 27.50
C LYS B 270 -17.02 -36.60 26.13
N ASP B 271 -17.85 -36.52 25.11
CA ASP B 271 -17.33 -36.70 23.71
C ASP B 271 -16.26 -35.74 23.32
N LEU B 272 -16.48 -34.45 23.58
CA LEU B 272 -15.47 -33.44 23.31
C LEU B 272 -14.14 -33.64 23.97
N MET B 273 -14.19 -34.00 25.26
CA MET B 273 -13.03 -34.26 26.07
C MET B 273 -12.33 -35.55 25.61
N SER B 274 -13.11 -36.55 25.29
CA SER B 274 -12.58 -37.76 24.67
C SER B 274 -11.80 -37.43 23.36
N LYS B 275 -12.37 -36.57 22.51
CA LYS B 275 -11.65 -36.17 21.28
C LYS B 275 -10.37 -35.42 21.56
N ALA B 276 -10.42 -34.51 22.55
CA ALA B 276 -9.25 -33.73 22.93
C ALA B 276 -8.11 -34.66 23.37
N GLU B 277 -8.48 -35.66 24.14
CA GLU B 277 -7.50 -36.54 24.69
C GLU B 277 -6.94 -37.43 23.54
N LYS B 278 -7.80 -37.97 22.66
CA LYS B 278 -7.28 -38.70 21.47
C LYS B 278 -6.38 -37.89 20.56
N ASN B 279 -6.59 -36.57 20.53
CA ASN B 279 -5.73 -35.68 19.73
C ASN B 279 -4.59 -35.00 20.43
N GLY B 280 -4.39 -35.31 21.72
CA GLY B 280 -3.36 -34.74 22.51
C GLY B 280 -3.54 -33.24 22.67
N VAL B 281 -4.79 -32.77 22.76
CA VAL B 281 -5.11 -31.33 22.98
C VAL B 281 -5.36 -31.11 24.46
N LYS B 282 -4.56 -30.24 25.05
CA LYS B 282 -4.72 -29.75 26.42
C LYS B 282 -5.81 -28.66 26.44
N ILE B 283 -6.86 -28.94 27.20
CA ILE B 283 -7.99 -28.00 27.31
C ILE B 283 -7.73 -27.10 28.54
N THR B 284 -7.71 -25.80 28.36
CA THR B 284 -7.59 -24.90 29.53
C THR B 284 -8.94 -24.24 29.76
N LEU B 285 -9.51 -24.42 30.95
CA LEU B 285 -10.78 -23.81 31.31
C LEU B 285 -10.50 -22.75 32.40
N PRO B 286 -11.47 -21.81 32.62
CA PRO B 286 -11.13 -20.83 33.65
C PRO B 286 -11.13 -21.52 35.00
N VAL B 287 -10.42 -20.92 35.95
CA VAL B 287 -10.37 -21.45 37.31
C VAL B 287 -10.93 -20.47 38.39
N ASP B 288 -11.24 -19.24 38.00
CA ASP B 288 -11.84 -18.22 38.91
C ASP B 288 -12.61 -17.21 38.11
N PHE B 289 -13.37 -16.34 38.79
CA PHE B 289 -14.48 -15.63 38.20
C PHE B 289 -14.68 -14.28 38.84
N VAL B 290 -15.10 -13.33 38.00
CA VAL B 290 -15.79 -12.10 38.44
C VAL B 290 -17.28 -12.42 38.36
N THR B 291 -17.92 -12.50 39.52
CA THR B 291 -19.35 -12.77 39.61
C THR B 291 -20.25 -11.51 39.71
N ALA B 292 -21.56 -11.67 39.47
CA ALA B 292 -22.49 -10.53 39.43
C ALA B 292 -23.80 -10.93 40.05
N ASP B 293 -24.46 -10.03 40.77
CA ASP B 293 -25.67 -10.48 41.45
C ASP B 293 -26.86 -10.44 40.51
N LYS B 294 -26.65 -9.96 39.28
CA LYS B 294 -27.64 -10.04 38.20
C LYS B 294 -26.98 -9.73 36.89
N PHE B 295 -27.66 -10.02 35.78
CA PHE B 295 -27.16 -9.69 34.43
C PHE B 295 -27.29 -8.19 34.07
N ASP B 296 -26.27 -7.41 34.42
CA ASP B 296 -26.42 -5.94 34.39
C ASP B 296 -25.08 -5.28 34.53
N GLU B 297 -24.85 -4.25 33.74
CA GLU B 297 -23.58 -3.51 33.76
C GLU B 297 -23.18 -3.00 35.14
N ASN B 298 -24.19 -2.73 35.98
CA ASN B 298 -24.03 -2.12 37.33
C ASN B 298 -24.43 -3.04 38.46
N ALA B 299 -24.31 -4.35 38.23
CA ALA B 299 -24.53 -5.34 39.25
C ALA B 299 -23.45 -5.20 40.34
N LYS B 300 -23.77 -5.59 41.59
CA LYS B 300 -22.78 -5.80 42.59
C LYS B 300 -21.95 -6.98 42.10
N THR B 301 -20.64 -6.79 42.07
CA THR B 301 -19.75 -7.87 41.74
C THR B 301 -19.25 -8.65 42.99
N GLY B 302 -18.79 -9.89 42.76
CA GLY B 302 -18.10 -10.69 43.74
C GLY B 302 -16.88 -11.37 43.12
N GLN B 303 -16.22 -12.27 43.86
CA GLN B 303 -15.11 -13.11 43.32
C GLN B 303 -15.45 -14.60 43.60
N ALA B 304 -14.94 -15.52 42.78
CA ALA B 304 -15.14 -16.95 43.03
C ALA B 304 -14.08 -17.76 42.36
N THR B 305 -13.85 -18.96 42.86
CA THR B 305 -13.02 -19.99 42.25
C THR B 305 -13.84 -21.26 41.99
N VAL B 306 -13.28 -22.13 41.15
CA VAL B 306 -13.83 -23.47 40.98
C VAL B 306 -13.95 -24.11 42.39
N ALA B 307 -12.89 -24.01 43.20
CA ALA B 307 -12.95 -24.59 44.58
C ALA B 307 -13.94 -23.92 45.51
N SER B 308 -14.11 -22.60 45.41
CA SER B 308 -15.09 -21.95 46.29
C SER B 308 -16.46 -22.17 45.79
N GLY B 309 -16.66 -22.28 44.45
CA GLY B 309 -18.06 -22.30 44.01
C GLY B 309 -18.55 -20.90 43.78
N ILE B 310 -19.60 -20.74 42.96
CA ILE B 310 -20.27 -19.46 42.83
C ILE B 310 -21.60 -19.54 43.62
N PRO B 311 -21.85 -18.57 44.52
CA PRO B 311 -23.07 -18.66 45.35
C PRO B 311 -24.36 -18.56 44.56
N ALA B 312 -25.42 -19.14 45.13
CA ALA B 312 -26.71 -19.19 44.46
C ALA B 312 -27.26 -17.80 44.26
N GLY B 313 -27.87 -17.59 43.12
CA GLY B 313 -28.38 -16.27 42.71
C GLY B 313 -27.28 -15.28 42.24
N TRP B 314 -26.01 -15.76 42.18
CA TRP B 314 -24.90 -15.03 41.52
C TRP B 314 -24.44 -15.71 40.21
N MET B 315 -23.96 -14.92 39.24
CA MET B 315 -23.42 -15.48 37.97
C MET B 315 -22.00 -15.05 37.64
N GLY B 316 -21.21 -15.93 37.00
CA GLY B 316 -19.87 -15.48 36.59
C GLY B 316 -19.97 -14.78 35.24
N LEU B 317 -19.35 -13.59 35.13
CA LEU B 317 -19.49 -12.81 33.91
C LEU B 317 -18.13 -12.51 33.35
N ASP B 318 -17.10 -12.93 34.05
CA ASP B 318 -15.74 -12.72 33.59
C ASP B 318 -14.88 -13.75 34.26
N CYS B 319 -13.74 -14.07 33.67
CA CYS B 319 -12.77 -14.86 34.46
C CYS B 319 -12.03 -13.96 35.44
N GLY B 320 -11.22 -14.54 36.31
CA GLY B 320 -10.41 -13.75 37.27
C GLY B 320 -8.92 -13.85 36.99
N PRO B 321 -8.07 -13.33 37.90
CA PRO B 321 -6.61 -13.17 37.74
C PRO B 321 -5.89 -14.49 37.51
N GLU B 322 -6.30 -15.56 38.20
CA GLU B 322 -5.59 -16.85 38.07
C GLU B 322 -5.91 -17.48 36.72
N SER B 323 -7.17 -17.34 36.28
CA SER B 323 -7.57 -17.71 34.89
C SER B 323 -6.72 -16.94 33.86
N SER B 324 -6.62 -15.61 34.03
CA SER B 324 -5.81 -14.78 33.14
C SER B 324 -4.40 -15.29 33.15
N LYS B 325 -3.94 -15.74 34.32
CA LYS B 325 -2.57 -16.26 34.43
C LYS B 325 -2.39 -17.60 33.68
N LYS B 326 -3.34 -18.49 33.79
CA LYS B 326 -3.28 -19.79 33.08
C LYS B 326 -3.50 -19.60 31.55
N TYR B 327 -4.28 -18.61 31.16
CA TYR B 327 -4.52 -18.27 29.74
C TYR B 327 -3.23 -17.72 29.19
N ALA B 328 -2.60 -16.81 29.95
CA ALA B 328 -1.27 -16.27 29.59
C ALA B 328 -0.23 -17.41 29.38
N GLU B 329 -0.29 -18.45 30.19
CA GLU B 329 0.72 -19.56 30.10
C GLU B 329 0.54 -20.30 28.78
N ALA B 330 -0.72 -20.56 28.41
CA ALA B 330 -1.05 -21.18 27.12
C ALA B 330 -0.61 -20.31 25.97
N VAL B 331 -0.86 -19.00 26.12
CA VAL B 331 -0.47 -18.06 25.06
C VAL B 331 1.05 -18.10 24.89
N THR B 332 1.81 -18.15 25.98
CA THR B 332 3.28 -18.13 25.79
C THR B 332 3.78 -19.42 25.14
N ARG B 333 3.03 -20.50 25.23
CA ARG B 333 3.40 -21.79 24.58
C ARG B 333 3.13 -21.73 23.05
N ALA B 334 2.15 -20.95 22.63
CA ALA B 334 1.76 -20.93 21.21
C ALA B 334 2.70 -20.19 20.25
N LYS B 335 2.81 -20.72 19.02
CA LYS B 335 3.37 -20.04 17.89
C LYS B 335 2.29 -19.58 16.93
N GLN B 336 1.09 -20.15 17.08
CA GLN B 336 -0.07 -19.63 16.34
C GLN B 336 -1.29 -19.64 17.26
N ILE B 337 -2.08 -18.56 17.18
CA ILE B 337 -3.26 -18.40 18.01
C ILE B 337 -4.42 -18.00 17.12
N VAL B 338 -5.55 -18.68 17.24
CA VAL B 338 -6.79 -18.19 16.63
C VAL B 338 -7.74 -17.94 17.80
N TRP B 339 -8.20 -16.70 17.94
CA TRP B 339 -9.12 -16.37 19.00
C TRP B 339 -10.49 -15.93 18.44
N ASN B 340 -11.52 -16.67 18.84
CA ASN B 340 -12.87 -16.36 18.42
C ASN B 340 -13.82 -16.39 19.63
N GLY B 341 -14.32 -15.22 20.02
CA GLY B 341 -15.29 -15.13 21.14
C GLY B 341 -14.62 -14.59 22.39
N PRO B 342 -15.26 -13.61 23.08
CA PRO B 342 -14.72 -12.98 24.26
C PRO B 342 -14.77 -13.94 25.48
N VAL B 343 -13.95 -13.68 26.50
CA VAL B 343 -13.84 -14.58 27.67
C VAL B 343 -14.70 -14.06 28.85
N GLY B 344 -15.47 -13.03 28.59
CA GLY B 344 -16.47 -12.51 29.56
C GLY B 344 -17.26 -11.42 28.86
N VAL B 345 -18.13 -10.74 29.61
CA VAL B 345 -19.04 -9.73 29.05
C VAL B 345 -18.23 -8.42 28.92
N PHE B 346 -17.33 -8.37 27.94
CA PHE B 346 -16.38 -7.26 27.88
C PHE B 346 -17.03 -5.90 27.56
N GLU B 347 -18.26 -5.91 27.08
CA GLU B 347 -18.93 -4.63 26.81
C GLU B 347 -19.23 -3.85 28.07
N TRP B 348 -19.27 -4.53 29.23
CA TRP B 348 -19.41 -3.94 30.56
C TRP B 348 -18.10 -3.89 31.28
N GLU B 349 -17.64 -2.69 31.66
CA GLU B 349 -16.23 -2.55 32.19
C GLU B 349 -15.97 -3.46 33.42
N ALA B 350 -16.98 -3.66 34.28
CA ALA B 350 -16.80 -4.52 35.46
C ALA B 350 -16.37 -5.94 35.05
N PHE B 351 -16.68 -6.32 33.81
CA PHE B 351 -16.49 -7.71 33.32
C PHE B 351 -15.62 -7.82 32.04
N ALA B 352 -14.79 -6.79 31.84
CA ALA B 352 -13.91 -6.62 30.68
C ALA B 352 -12.45 -6.90 31.00
N ARG B 353 -12.10 -7.06 32.25
CA ARG B 353 -10.71 -7.17 32.57
C ARG B 353 -10.03 -8.50 32.06
N GLY B 354 -10.74 -9.62 32.10
CA GLY B 354 -10.14 -10.87 31.60
C GLY B 354 -9.93 -10.76 30.08
N THR B 355 -10.90 -10.21 29.36
CA THR B 355 -10.73 -9.98 27.90
C THR B 355 -9.55 -9.08 27.57
N LYS B 356 -9.41 -7.95 28.30
CA LYS B 356 -8.31 -7.02 28.06
C LYS B 356 -6.97 -7.66 28.42
N ALA B 357 -6.89 -8.41 29.54
CA ALA B 357 -5.60 -9.02 29.89
C ALA B 357 -5.17 -10.03 28.83
N LEU B 358 -6.15 -10.78 28.36
CA LEU B 358 -5.89 -11.83 27.33
C LEU B 358 -5.45 -11.09 26.04
N MET B 359 -6.12 -9.97 25.70
CA MET B 359 -5.61 -9.16 24.54
C MET B 359 -4.17 -8.69 24.76
N ASP B 360 -3.84 -8.14 25.92
CA ASP B 360 -2.41 -7.84 26.28
C ASP B 360 -1.40 -8.96 25.97
N GLU B 361 -1.76 -10.17 26.38
CA GLU B 361 -0.91 -11.34 26.15
C GLU B 361 -0.80 -11.70 24.69
N VAL B 362 -1.91 -11.60 23.95
CA VAL B 362 -1.88 -11.89 22.50
C VAL B 362 -1.04 -10.84 21.74
N VAL B 363 -1.15 -9.60 22.19
CA VAL B 363 -0.37 -8.48 21.63
C VAL B 363 1.12 -8.74 21.95
N LYS B 364 1.46 -9.16 23.18
CA LYS B 364 2.86 -9.55 23.52
C LYS B 364 3.32 -10.72 22.68
N ALA B 365 2.44 -11.71 22.45
CA ALA B 365 2.79 -12.92 21.67
C ALA B 365 3.16 -12.56 20.22
N THR B 366 2.39 -11.65 19.64
CA THR B 366 2.65 -11.13 18.31
C THR B 366 4.03 -10.42 18.24
N SER B 367 4.30 -9.54 19.21
CA SER B 367 5.58 -8.76 19.39
C SER B 367 6.78 -9.69 19.37
N ARG B 368 6.57 -10.94 19.78
CA ARG B 368 7.66 -11.90 19.78
C ARG B 368 7.70 -12.87 18.60
N GLY B 369 6.89 -12.58 17.56
CA GLY B 369 6.84 -13.40 16.32
C GLY B 369 5.69 -14.41 16.19
N CYS B 370 4.79 -14.48 17.17
CA CYS B 370 3.64 -15.43 17.09
C CYS B 370 2.63 -14.92 16.04
N ILE B 371 2.07 -15.82 15.27
CA ILE B 371 0.97 -15.46 14.32
C ILE B 371 -0.37 -15.44 15.08
N THR B 372 -1.00 -14.29 15.17
CA THR B 372 -2.23 -14.15 16.01
C THR B 372 -3.44 -13.67 15.16
N ILE B 373 -4.56 -14.38 15.23
CA ILE B 373 -5.73 -14.01 14.42
C ILE B 373 -6.83 -13.86 15.45
N ILE B 374 -7.47 -12.72 15.43
CA ILE B 374 -8.55 -12.38 16.37
C ILE B 374 -9.80 -11.98 15.52
N GLY B 375 -10.96 -11.94 16.19
CA GLY B 375 -12.24 -11.47 15.58
C GLY B 375 -12.48 -9.97 15.84
N GLY B 376 -13.45 -9.33 15.17
CA GLY B 376 -14.51 -10.02 14.37
C GLY B 376 -15.45 -9.06 13.64
N ASP B 390 -2.75 -3.21 14.22
CA ASP B 390 -1.28 -3.16 14.07
C ASP B 390 -0.51 -3.93 15.15
N LYS B 391 -1.24 -4.38 16.15
CA LYS B 391 -0.70 -5.03 17.32
C LYS B 391 -0.87 -6.56 17.29
N VAL B 392 -1.72 -7.08 16.38
CA VAL B 392 -1.81 -8.55 16.16
C VAL B 392 -1.64 -8.80 14.64
N SER B 393 -1.37 -10.03 14.23
CA SER B 393 -1.14 -10.35 12.81
C SER B 393 -2.35 -10.04 11.96
N HIS B 394 -3.53 -10.37 12.46
CA HIS B 394 -4.74 -10.28 11.64
C HIS B 394 -5.99 -10.08 12.50
N VAL B 395 -6.68 -8.98 12.26
CA VAL B 395 -7.99 -8.77 12.85
C VAL B 395 -9.03 -9.08 11.81
N SER B 396 -9.66 -10.24 11.93
CA SER B 396 -10.72 -10.61 10.99
C SER B 396 -11.98 -9.73 11.04
N THR B 397 -12.56 -9.54 9.86
CA THR B 397 -13.87 -8.89 9.74
C THR B 397 -15.00 -9.88 9.67
N GLY B 398 -14.71 -11.17 9.75
CA GLY B 398 -15.66 -12.18 9.29
C GLY B 398 -16.99 -12.44 9.95
N GLY B 399 -17.09 -12.21 11.26
CA GLY B 399 -18.34 -12.50 12.02
C GLY B 399 -18.77 -13.96 11.97
N GLY B 400 -20.03 -14.16 11.57
CA GLY B 400 -20.53 -15.50 11.28
C GLY B 400 -19.78 -16.26 10.21
N ALA B 401 -19.08 -15.54 9.30
CA ALA B 401 -18.36 -16.22 8.20
C ALA B 401 -17.12 -16.94 8.73
N SER B 402 -16.38 -16.27 9.61
CA SER B 402 -15.23 -16.84 10.26
C SER B 402 -15.69 -18.01 11.07
N LEU B 403 -16.85 -17.88 11.76
CA LEU B 403 -17.36 -19.03 12.53
C LEU B 403 -17.64 -20.20 11.62
N GLU B 404 -18.32 -19.96 10.49
CA GLU B 404 -18.62 -21.07 9.52
C GLU B 404 -17.35 -21.75 8.96
N LEU B 405 -16.34 -20.93 8.66
CA LEU B 405 -15.06 -21.38 8.16
C LEU B 405 -14.40 -22.26 9.19
N LEU B 406 -14.29 -21.74 10.41
CA LEU B 406 -13.72 -22.48 11.55
C LEU B 406 -14.49 -23.77 12.00
N GLU B 407 -15.78 -23.82 11.76
CA GLU B 407 -16.61 -25.04 11.95
C GLU B 407 -16.42 -26.07 10.81
N GLY B 408 -15.63 -25.72 9.77
CA GLY B 408 -15.43 -26.56 8.57
C GLY B 408 -16.48 -26.52 7.45
N LYS B 409 -17.28 -25.47 7.39
CA LYS B 409 -18.34 -25.34 6.41
C LYS B 409 -17.86 -24.56 5.13
N VAL B 410 -18.66 -24.69 4.09
CA VAL B 410 -18.45 -24.05 2.78
C VAL B 410 -18.67 -22.53 2.90
N LEU B 411 -17.91 -21.76 2.13
CA LEU B 411 -18.23 -20.30 1.95
C LEU B 411 -18.75 -20.12 0.53
N PRO B 412 -20.10 -20.12 0.32
CA PRO B 412 -20.66 -20.01 -1.02
C PRO B 412 -20.15 -18.77 -1.81
N GLY B 413 -19.95 -17.62 -1.14
CA GLY B 413 -19.43 -16.45 -1.82
C GLY B 413 -18.03 -16.68 -2.34
N VAL B 414 -17.26 -17.58 -1.73
CA VAL B 414 -15.88 -17.90 -2.25
C VAL B 414 -15.97 -18.90 -3.42
N ASP B 415 -16.79 -19.92 -3.24
CA ASP B 415 -17.04 -20.98 -4.24
C ASP B 415 -17.56 -20.46 -5.58
N ALA B 416 -18.25 -19.31 -5.58
CA ALA B 416 -18.87 -18.77 -6.75
C ALA B 416 -17.87 -17.85 -7.53
N LEU B 417 -16.68 -17.64 -6.99
CA LEU B 417 -15.68 -16.82 -7.67
C LEU B 417 -15.21 -17.65 -8.91
N SER B 418 -14.80 -16.95 -9.92
CA SER B 418 -14.09 -17.54 -11.11
C SER B 418 -12.84 -18.35 -10.71
N ASN B 419 -12.71 -19.54 -11.31
CA ASN B 419 -11.49 -20.37 -11.08
C ASN B 419 -10.38 -19.84 -11.89
N ILE B 420 -9.22 -19.80 -11.24
CA ILE B 420 -7.77 -19.96 -11.66
C ILE B 420 -6.72 -18.98 -11.20
#